data_1MQQ
#
_entry.id   1MQQ
#
_cell.length_a   74.092
_cell.length_b   74.092
_cell.length_c   331.863
_cell.angle_alpha   90.00
_cell.angle_beta   90.00
_cell.angle_gamma   90.00
#
_symmetry.space_group_name_H-M   'P 41 21 2'
#
loop_
_entity.id
_entity.type
_entity.pdbx_description
1 polymer ALPHA-D-GLUCURONIDASE
2 non-polymer 'alpha-D-glucopyranuronic acid'
3 non-polymer GLYCEROL
4 water water
#
_entity_poly.entity_id   1
_entity_poly.type   'polypeptide(L)'
_entity_poly.pdbx_seq_one_letter_code
;MTAGYEPCWLRYERKDQYSRLRFEEIVAKRTSPIFQAAVEELQKGLRSMMEIEPQVVQEVNETANSIWLGTLEDEEFERP
LEGTLVHPEGYVIRSDVDDGPFRIYIIGKTDAGVLYGVFHFLRLLQMGENIAQLSIIEQPKNRLRMINHWDNMDGSIERG
YAGRSIFFVDDQFVKQNQRIKDYARLLASVGINAISINNVNVHKTETKLITDHFLPDVAEVADIFRTYGIKTFLSINYAS
PIEIGGLPTADPLDPEVRWWWKETAKRIYQYIPDFGGFVVKADSEFRPGPFTYGRDHAEGANMLAEALAPFGGLVIWRCF
VYNCQQDWRDRTTDRAKAAYDHFKPLDGQFRENVILQIKNGPMDFQVREPVSPLFGAMPKTNQMMEVQITQEYTGQQKHL
CFLIPQWKEVLDFDTYAKGKGSEVKKVIDGSLFDYRYSGIAGVSNIGSDPNWTGHTLAQANLYGFGRLAWNPDLSAEEIA
NEWVVQTFGDDSQVVETISWMLLSSWRIYENYTSPLGVGWMVNPGHHYGPNVDGYEYSHWGTYHYADRDGIGVDRTVATG
TGYTAQYFPENAAMYESLDTCPDELLLFFHHVPYTHRLHSGETVIQHIYNTHFEGVEQAKQLRKRWEQLKGKIDEKRYHD
VLERLTIQVEHAKEWRDVINTYFYRKSGIDDQYGRKIYR
;
_entity_poly.pdbx_strand_id   A
#
# COMPACT_ATOMS: atom_id res chain seq x y z
N GLY A 4 -2.19 24.49 7.67
CA GLY A 4 -3.05 23.60 8.43
C GLY A 4 -2.48 22.20 8.53
N TYR A 5 -1.59 21.84 7.60
CA TYR A 5 -1.06 20.47 7.60
C TYR A 5 0.38 20.44 7.11
N GLU A 6 1.09 19.35 7.35
CA GLU A 6 2.50 19.28 6.96
C GLU A 6 2.68 19.04 5.48
N PRO A 7 3.77 19.54 4.93
CA PRO A 7 4.10 19.25 3.53
C PRO A 7 4.63 17.84 3.34
N CYS A 8 4.79 17.09 4.42
CA CYS A 8 5.39 15.77 4.36
C CYS A 8 6.77 15.83 3.69
N TRP A 9 6.98 15.04 2.63
CA TRP A 9 8.31 14.94 2.01
C TRP A 9 8.47 16.03 0.94
N LEU A 10 7.52 16.94 0.77
CA LEU A 10 7.67 17.94 -0.30
C LEU A 10 7.95 19.27 0.35
N ARG A 11 9.02 19.33 1.17
CA ARG A 11 9.30 20.49 1.98
C ARG A 11 9.92 21.61 1.13
N TYR A 12 10.70 21.18 0.14
CA TYR A 12 11.35 22.15 -0.74
C TYR A 12 12.08 23.21 0.08
N GLU A 13 12.87 22.73 1.05
CA GLU A 13 13.51 23.65 1.99
C GLU A 13 14.53 24.54 1.28
N ARG A 14 14.57 25.78 1.69
CA ARG A 14 15.46 26.79 1.09
C ARG A 14 16.89 26.29 1.20
N LYS A 15 17.64 26.34 0.12
CA LYS A 15 19.05 25.96 0.13
C LYS A 15 19.93 27.13 0.57
N ASP A 16 21.15 26.81 1.02
CA ASP A 16 22.11 27.88 1.29
C ASP A 16 22.64 28.48 -0.02
N GLN A 17 23.53 29.47 0.09
CA GLN A 17 24.03 30.15 -1.09
C GLN A 17 24.99 29.33 -1.94
N TYR A 18 25.41 28.16 -1.47
CA TYR A 18 26.38 27.32 -2.16
C TYR A 18 25.72 26.16 -2.85
N SER A 19 24.36 26.18 -2.84
CA SER A 19 23.65 25.07 -3.41
C SER A 19 22.52 25.57 -4.33
N ARG A 20 22.74 26.69 -4.99
CA ARG A 20 21.72 27.26 -5.87
C ARG A 20 21.94 26.89 -7.35
N LEU A 21 20.87 27.05 -8.13
CA LEU A 21 20.85 26.85 -9.57
C LEU A 21 20.46 28.12 -10.31
N ARG A 22 21.03 28.27 -11.50
CA ARG A 22 20.70 29.46 -12.30
C ARG A 22 19.82 29.04 -13.49
N PHE A 23 18.56 29.46 -13.45
CA PHE A 23 17.66 29.26 -14.59
C PHE A 23 16.87 30.52 -14.87
N GLU A 24 16.67 30.87 -16.14
CA GLU A 24 15.85 32.03 -16.45
C GLU A 24 14.48 31.64 -17.03
N GLU A 25 14.36 30.46 -17.63
CA GLU A 25 13.09 30.10 -18.23
C GLU A 25 12.68 28.67 -18.01
N ILE A 26 11.36 28.49 -17.90
CA ILE A 26 10.82 27.14 -18.00
C ILE A 26 10.10 27.04 -19.34
N VAL A 27 10.47 26.10 -20.19
CA VAL A 27 9.84 25.95 -21.52
C VAL A 27 8.72 24.89 -21.42
N ALA A 28 7.48 25.39 -21.40
CA ALA A 28 6.38 24.41 -21.38
C ALA A 28 5.79 24.19 -22.76
N LYS A 29 6.07 23.06 -23.39
CA LYS A 29 5.61 22.83 -24.76
C LYS A 29 4.12 22.51 -24.84
N ARG A 30 3.44 22.24 -23.72
CA ARG A 30 1.99 21.99 -23.85
C ARG A 30 1.23 22.76 -22.80
N THR A 31 -0.10 22.86 -22.92
CA THR A 31 -0.78 23.62 -21.88
C THR A 31 -1.94 22.79 -21.32
N SER A 32 -1.85 21.47 -21.43
CA SER A 32 -2.88 20.60 -20.84
C SER A 32 -2.87 20.73 -19.33
N PRO A 33 -3.95 20.44 -18.64
CA PRO A 33 -3.97 20.53 -17.17
C PRO A 33 -2.82 19.84 -16.47
N ILE A 34 -2.39 18.69 -16.96
CA ILE A 34 -1.28 17.94 -16.35
C ILE A 34 0.00 18.74 -16.50
N PHE A 35 0.22 19.31 -17.69
CA PHE A 35 1.43 20.12 -17.87
C PHE A 35 1.37 21.32 -16.96
N GLN A 36 0.15 21.89 -16.84
CA GLN A 36 0.02 23.10 -16.02
C GLN A 36 0.35 22.74 -14.57
N ALA A 37 -0.07 21.55 -14.15
CA ALA A 37 0.22 21.16 -12.78
C ALA A 37 1.73 20.94 -12.59
N ALA A 38 2.37 20.33 -13.59
CA ALA A 38 3.82 20.11 -13.64
C ALA A 38 4.58 21.43 -13.63
N VAL A 39 4.26 22.39 -14.50
CA VAL A 39 4.89 23.71 -14.39
C VAL A 39 4.75 24.36 -13.03
N GLU A 40 3.53 24.34 -12.46
CA GLU A 40 3.24 24.92 -11.16
C GLU A 40 4.08 24.26 -10.07
N GLU A 41 4.29 22.96 -10.11
CA GLU A 41 5.09 22.28 -9.08
C GLU A 41 6.55 22.71 -9.24
N LEU A 42 6.96 22.86 -10.50
CA LEU A 42 8.37 23.27 -10.71
C LEU A 42 8.58 24.67 -10.22
N GLN A 43 7.64 25.58 -10.52
CA GLN A 43 7.76 26.93 -10.01
C GLN A 43 7.78 26.99 -8.49
N LYS A 44 6.89 26.19 -7.88
CA LYS A 44 6.83 26.11 -6.42
C LYS A 44 8.15 25.61 -5.83
N GLY A 45 8.68 24.51 -6.36
CA GLY A 45 9.88 23.94 -5.77
C GLY A 45 11.08 24.84 -6.01
N LEU A 46 11.17 25.45 -7.19
CA LEU A 46 12.34 26.29 -7.47
C LEU A 46 12.33 27.56 -6.66
N ARG A 47 11.12 28.12 -6.48
CA ARG A 47 11.02 29.32 -5.67
C ARG A 47 11.40 28.97 -4.24
N SER A 48 10.85 27.85 -3.77
CA SER A 48 11.07 27.57 -2.33
C SER A 48 12.50 27.16 -2.02
N MET A 49 13.10 26.29 -2.82
CA MET A 49 14.47 25.82 -2.66
C MET A 49 15.52 26.85 -3.14
N MET A 50 15.30 27.44 -4.30
CA MET A 50 16.34 28.20 -4.98
C MET A 50 16.11 29.68 -4.98
N GLU A 51 14.94 30.13 -4.52
CA GLU A 51 14.65 31.55 -4.49
C GLU A 51 14.74 32.14 -5.89
N ILE A 52 14.32 31.39 -6.90
CA ILE A 52 14.29 31.90 -8.27
C ILE A 52 12.89 31.81 -8.86
N GLU A 53 12.51 32.75 -9.75
CA GLU A 53 11.23 32.58 -10.42
C GLU A 53 11.37 32.75 -11.93
N PRO A 54 11.88 31.67 -12.60
CA PRO A 54 12.04 31.68 -14.05
CA PRO A 54 12.07 31.71 -14.05
C PRO A 54 10.69 31.95 -14.71
N GLN A 55 10.71 32.57 -15.87
CA GLN A 55 9.50 32.89 -16.62
C GLN A 55 9.04 31.67 -17.40
N VAL A 56 7.74 31.42 -17.45
CA VAL A 56 7.21 30.32 -18.21
C VAL A 56 7.00 30.74 -19.68
N VAL A 57 7.55 29.96 -20.60
CA VAL A 57 7.49 30.32 -22.01
C VAL A 57 7.14 29.15 -22.87
N GLN A 58 6.75 29.31 -24.16
CA GLN A 58 6.48 27.95 -24.70
C GLN A 58 7.37 27.62 -25.89
N GLU A 59 8.36 28.49 -26.10
CA GLU A 59 9.38 28.26 -27.10
C GLU A 59 10.76 28.59 -26.51
N VAL A 60 11.77 27.79 -26.83
CA VAL A 60 13.03 27.96 -26.08
C VAL A 60 13.72 29.25 -26.53
N ASN A 61 14.38 29.96 -25.64
CA ASN A 61 15.24 31.09 -25.97
C ASN A 61 16.67 30.50 -25.99
N GLU A 62 17.33 30.54 -27.14
CA GLU A 62 18.56 29.76 -27.30
C GLU A 62 19.70 30.32 -26.46
N THR A 63 19.55 31.50 -25.87
CA THR A 63 20.63 31.93 -24.99
C THR A 63 20.22 31.92 -23.53
N ALA A 64 19.06 31.33 -23.20
CA ALA A 64 18.60 31.37 -21.81
C ALA A 64 18.88 30.04 -21.12
N ASN A 65 19.27 30.16 -19.84
CA ASN A 65 19.41 28.94 -19.08
C ASN A 65 17.98 28.41 -18.84
N SER A 66 17.68 27.16 -19.16
CA SER A 66 16.27 26.78 -19.05
C SER A 66 16.04 25.34 -18.64
N ILE A 67 14.82 25.08 -18.14
CA ILE A 67 14.30 23.72 -18.03
C ILE A 67 13.18 23.55 -19.05
N TRP A 68 13.32 22.52 -19.85
CA TRP A 68 12.42 22.23 -20.97
C TRP A 68 11.52 21.06 -20.62
N LEU A 69 10.23 21.28 -20.79
CA LEU A 69 9.24 20.24 -20.51
C LEU A 69 8.43 19.90 -21.75
N GLY A 70 8.49 18.64 -22.15
CA GLY A 70 7.71 18.32 -23.34
C GLY A 70 7.60 16.81 -23.52
N THR A 71 6.74 16.41 -24.46
CA THR A 71 6.76 15.01 -24.84
C THR A 71 7.65 14.80 -26.07
N LEU A 72 7.82 13.55 -26.47
CA LEU A 72 8.64 13.26 -27.63
C LEU A 72 8.22 14.11 -28.83
N GLU A 73 6.90 14.20 -29.06
CA GLU A 73 6.45 14.87 -30.30
C GLU A 73 6.66 16.36 -30.24
N ASP A 74 7.08 16.89 -29.09
CA ASP A 74 7.39 18.33 -29.03
C ASP A 74 8.88 18.57 -29.24
N GLU A 75 9.70 17.53 -29.36
CA GLU A 75 11.15 17.72 -29.45
C GLU A 75 11.62 18.15 -30.83
N GLU A 76 12.55 19.12 -30.89
CA GLU A 76 13.15 19.36 -32.20
C GLU A 76 13.87 18.09 -32.62
N PHE A 77 14.81 17.67 -31.77
CA PHE A 77 15.57 16.44 -31.99
C PHE A 77 15.15 15.36 -31.01
N GLU A 78 14.68 14.21 -31.51
CA GLU A 78 14.39 13.08 -30.63
C GLU A 78 15.61 12.16 -30.52
N ARG A 79 16.30 12.27 -29.40
CA ARG A 79 17.50 11.56 -29.02
C ARG A 79 17.29 10.09 -28.67
N PRO A 80 18.33 9.27 -28.71
CA PRO A 80 18.21 7.83 -28.51
C PRO A 80 17.70 7.41 -27.13
N LEU A 81 18.04 8.17 -26.09
CA LEU A 81 17.55 7.74 -24.78
C LEU A 81 16.02 7.78 -24.74
N GLU A 82 15.45 8.95 -24.92
CA GLU A 82 14.01 9.11 -24.90
C GLU A 82 13.37 8.25 -25.98
N GLY A 83 14.10 7.97 -27.05
CA GLY A 83 13.57 7.11 -28.09
C GLY A 83 13.40 5.68 -27.61
N THR A 84 14.07 5.25 -26.55
CA THR A 84 13.83 3.91 -26.03
C THR A 84 12.62 3.82 -25.08
N LEU A 85 11.98 4.91 -24.70
CA LEU A 85 10.84 4.81 -23.79
C LEU A 85 9.71 4.00 -24.43
N VAL A 86 9.03 3.18 -23.64
CA VAL A 86 7.88 2.45 -24.20
C VAL A 86 6.66 2.67 -23.33
N HIS A 87 6.88 2.84 -22.04
CA HIS A 87 5.75 3.05 -21.13
C HIS A 87 5.23 4.48 -21.20
N PRO A 88 3.92 4.64 -21.28
CA PRO A 88 3.28 5.95 -21.34
C PRO A 88 3.67 6.88 -20.22
N GLU A 89 3.97 6.35 -19.03
CA GLU A 89 4.25 7.28 -17.94
C GLU A 89 5.76 7.44 -17.70
N GLY A 90 6.55 6.90 -18.63
CA GLY A 90 7.99 7.00 -18.62
C GLY A 90 8.44 8.39 -19.03
N TYR A 91 9.67 8.71 -18.63
CA TYR A 91 10.26 10.01 -18.92
C TYR A 91 11.79 9.80 -18.93
N VAL A 92 12.42 10.86 -19.45
CA VAL A 92 13.88 10.96 -19.47
C VAL A 92 14.20 12.35 -18.91
N ILE A 93 15.24 12.44 -18.10
CA ILE A 93 15.77 13.74 -17.68
C ILE A 93 17.22 13.80 -18.16
N ARG A 94 17.55 14.82 -18.96
CA ARG A 94 18.99 14.87 -19.35
C ARG A 94 19.41 16.32 -19.44
N SER A 95 20.67 16.56 -19.03
CA SER A 95 21.30 17.86 -19.12
C SER A 95 21.94 18.02 -20.51
N ASP A 96 21.74 19.18 -21.13
CA ASP A 96 22.30 19.38 -22.47
C ASP A 96 23.82 19.36 -22.43
N VAL A 97 24.51 18.76 -23.41
CA VAL A 97 25.97 18.67 -23.27
C VAL A 97 26.73 19.66 -24.15
N ASP A 98 26.03 20.60 -24.74
CA ASP A 98 26.44 21.87 -25.29
C ASP A 98 27.27 22.68 -24.30
N ASP A 99 28.17 23.53 -24.78
CA ASP A 99 28.89 24.42 -23.87
C ASP A 99 28.14 25.73 -23.69
N GLY A 100 26.95 25.91 -24.26
CA GLY A 100 26.33 27.23 -24.10
C GLY A 100 25.56 27.39 -22.80
N PRO A 101 24.33 27.86 -22.93
CA PRO A 101 23.44 27.92 -21.76
C PRO A 101 23.29 26.54 -21.16
N PHE A 102 22.91 26.55 -19.89
CA PHE A 102 22.55 25.32 -19.20
C PHE A 102 21.10 24.95 -19.56
N ARG A 103 20.89 23.73 -20.04
CA ARG A 103 19.56 23.22 -20.29
C ARG A 103 19.36 21.84 -19.66
N ILE A 104 18.21 21.75 -18.99
CA ILE A 104 17.69 20.48 -18.51
C ILE A 104 16.44 20.12 -19.34
N TYR A 105 16.41 18.95 -19.95
CA TYR A 105 15.28 18.41 -20.67
C TYR A 105 14.56 17.33 -19.85
N ILE A 106 13.26 17.56 -19.69
CA ILE A 106 12.39 16.56 -19.05
C ILE A 106 11.41 16.12 -20.13
N ILE A 107 11.61 14.89 -20.60
CA ILE A 107 10.89 14.46 -21.77
C ILE A 107 10.01 13.27 -21.41
N GLY A 108 8.71 13.47 -21.46
CA GLY A 108 7.81 12.38 -21.11
C GLY A 108 7.19 11.68 -22.30
N LYS A 109 6.90 10.39 -22.16
CA LYS A 109 6.23 9.67 -23.26
C LYS A 109 4.84 10.27 -23.42
N THR A 110 4.27 10.68 -22.29
CA THR A 110 2.99 11.38 -22.31
C THR A 110 3.05 12.49 -21.27
N ASP A 111 1.98 13.25 -21.15
CA ASP A 111 1.92 14.36 -20.21
C ASP A 111 2.21 13.88 -18.78
N ALA A 112 1.60 12.75 -18.37
CA ALA A 112 1.89 12.26 -17.03
C ALA A 112 3.37 11.95 -16.88
N GLY A 113 4.06 11.43 -17.89
CA GLY A 113 5.49 11.24 -17.79
C GLY A 113 6.21 12.55 -17.49
N VAL A 114 5.78 13.67 -18.05
CA VAL A 114 6.45 14.93 -17.71
C VAL A 114 6.23 15.29 -16.25
N LEU A 115 5.02 15.01 -15.74
CA LEU A 115 4.75 15.33 -14.35
C LEU A 115 5.63 14.48 -13.41
N TYR A 116 5.73 13.19 -13.65
CA TYR A 116 6.56 12.31 -12.83
C TYR A 116 8.02 12.75 -12.96
N GLY A 117 8.40 13.22 -14.15
CA GLY A 117 9.80 13.66 -14.33
C GLY A 117 10.07 14.96 -13.58
N VAL A 118 9.09 15.84 -13.53
CA VAL A 118 9.20 17.07 -12.76
C VAL A 118 9.34 16.70 -11.29
N PHE A 119 8.51 15.78 -10.78
CA PHE A 119 8.75 15.42 -9.36
C PHE A 119 10.10 14.77 -9.09
N HIS A 120 10.59 13.93 -9.98
CA HIS A 120 11.92 13.32 -9.87
C HIS A 120 12.97 14.43 -9.86
N PHE A 121 12.86 15.39 -10.78
CA PHE A 121 13.87 16.45 -10.78
C PHE A 121 13.88 17.22 -9.48
N LEU A 122 12.73 17.56 -8.92
CA LEU A 122 12.66 18.21 -7.62
C LEU A 122 13.17 17.32 -6.48
N ARG A 123 12.95 16.02 -6.59
CA ARG A 123 13.50 15.06 -5.63
C ARG A 123 15.02 15.15 -5.62
N LEU A 124 15.65 15.14 -6.80
CA LEU A 124 17.08 15.31 -6.94
C LEU A 124 17.56 16.59 -6.25
N LEU A 125 16.86 17.71 -6.49
CA LEU A 125 17.24 18.96 -5.85
C LEU A 125 17.11 18.86 -4.33
N GLN A 126 15.97 18.37 -3.83
CA GLN A 126 15.84 18.21 -2.38
C GLN A 126 16.97 17.41 -1.77
N MET A 127 17.40 16.37 -2.49
CA MET A 127 18.43 15.47 -1.98
C MET A 127 19.84 16.04 -2.18
N GLY A 128 19.96 17.17 -2.85
CA GLY A 128 21.24 17.83 -3.07
C GLY A 128 22.10 17.19 -4.12
N GLU A 129 21.53 16.58 -5.15
CA GLU A 129 22.30 15.87 -6.17
C GLU A 129 22.87 16.83 -7.19
N ASN A 130 24.04 16.52 -7.75
CA ASN A 130 24.61 17.42 -8.79
C ASN A 130 23.85 17.17 -10.09
N ILE A 131 23.21 18.20 -10.62
CA ILE A 131 22.50 18.02 -11.89
C ILE A 131 23.26 18.54 -13.10
N ALA A 132 24.56 18.74 -12.97
CA ALA A 132 25.26 19.29 -14.14
C ALA A 132 25.25 18.35 -15.32
N GLN A 133 25.28 17.04 -15.10
CA GLN A 133 25.38 16.07 -16.17
C GLN A 133 24.35 14.94 -16.02
N LEU A 134 23.09 15.26 -15.82
CA LEU A 134 22.11 14.18 -15.69
C LEU A 134 21.87 13.42 -16.98
N SER A 135 21.74 12.10 -16.85
CA SER A 135 21.19 11.26 -17.91
C SER A 135 20.32 10.18 -17.27
N ILE A 136 19.02 10.39 -17.24
CA ILE A 136 18.14 9.53 -16.46
C ILE A 136 17.00 9.01 -17.31
N ILE A 137 16.71 7.72 -17.20
CA ILE A 137 15.50 7.18 -17.83
C ILE A 137 14.68 6.43 -16.76
N GLU A 138 13.36 6.67 -16.69
CA GLU A 138 12.53 6.02 -15.67
C GLU A 138 11.18 5.61 -16.22
N GLN A 139 10.83 4.34 -16.05
CA GLN A 139 9.52 3.86 -16.47
C GLN A 139 8.91 2.99 -15.37
N PRO A 140 7.63 3.18 -15.05
CA PRO A 140 7.07 2.41 -13.92
C PRO A 140 6.97 0.94 -14.25
N LYS A 141 7.08 0.02 -13.27
CA LYS A 141 6.94 -1.39 -13.57
C LYS A 141 5.49 -1.90 -13.46
N ASN A 142 4.74 -1.27 -12.57
CA ASN A 142 3.32 -1.59 -12.35
C ASN A 142 2.42 -0.58 -13.05
N ARG A 143 1.52 -1.08 -13.91
CA ARG A 143 0.59 -0.18 -14.61
C ARG A 143 -0.41 0.48 -13.67
N LEU A 144 -0.99 -0.26 -12.73
CA LEU A 144 -1.86 0.33 -11.73
C LEU A 144 -1.07 0.51 -10.42
N ARG A 145 -1.08 1.72 -9.92
CA ARG A 145 -0.38 2.10 -8.70
C ARG A 145 -1.38 2.90 -7.89
N MET A 146 -2.11 2.12 -7.06
CA MET A 146 -3.39 2.58 -6.56
C MET A 146 -3.46 2.72 -5.06
N ILE A 147 -4.27 3.64 -4.60
CA ILE A 147 -4.59 3.77 -3.17
C ILE A 147 -6.06 3.44 -2.95
N ASN A 148 -6.38 2.64 -1.92
CA ASN A 148 -7.79 2.41 -1.56
C ASN A 148 -8.11 3.15 -0.28
N HIS A 149 -9.10 4.01 -0.25
CA HIS A 149 -9.57 4.68 0.95
C HIS A 149 -10.64 3.87 1.68
N TRP A 150 -10.61 3.81 3.02
CA TRP A 150 -11.68 3.08 3.74
C TRP A 150 -12.57 4.11 4.42
N ASP A 151 -12.58 5.31 3.87
CA ASP A 151 -13.33 6.46 4.33
C ASP A 151 -14.86 6.24 4.20
N ASN A 152 -15.59 6.59 5.26
CA ASN A 152 -17.06 6.63 5.23
C ASN A 152 -17.60 8.05 5.08
N MET A 153 -18.79 8.21 4.49
CA MET A 153 -19.27 9.59 4.31
C MET A 153 -19.71 10.27 5.58
N ASP A 154 -19.77 9.55 6.72
CA ASP A 154 -20.05 10.27 7.97
C ASP A 154 -18.77 10.88 8.52
N GLY A 155 -17.65 10.65 7.82
CA GLY A 155 -16.42 11.31 8.24
C GLY A 155 -15.48 10.34 8.94
N SER A 156 -16.04 9.23 9.41
CA SER A 156 -15.18 8.20 9.97
C SER A 156 -14.39 7.50 8.86
N ILE A 157 -13.33 6.84 9.25
CA ILE A 157 -12.49 5.97 8.44
C ILE A 157 -12.32 4.62 9.13
N GLU A 158 -12.79 3.57 8.47
CA GLU A 158 -12.66 2.20 8.96
C GLU A 158 -11.17 1.85 9.01
N ARG A 159 -10.74 1.48 10.21
CA ARG A 159 -9.34 1.23 10.49
C ARG A 159 -8.49 2.46 10.14
N GLY A 160 -8.98 3.65 10.42
CA GLY A 160 -8.25 4.89 10.23
C GLY A 160 -7.65 5.32 11.56
N TYR A 161 -6.32 5.50 11.61
CA TYR A 161 -5.70 5.93 12.87
C TYR A 161 -5.08 7.31 12.77
N ALA A 162 -5.45 8.05 11.73
CA ALA A 162 -4.82 9.35 11.47
C ALA A 162 -5.80 10.49 11.34
N GLY A 163 -6.90 10.38 12.07
CA GLY A 163 -7.92 11.42 12.04
C GLY A 163 -9.11 11.00 11.18
N ARG A 164 -9.98 11.96 10.91
CA ARG A 164 -11.18 11.78 10.12
C ARG A 164 -10.91 11.90 8.62
N SER A 165 -11.93 11.59 7.82
CA SER A 165 -11.88 11.68 6.38
C SER A 165 -11.51 13.10 5.90
N ILE A 166 -10.64 13.19 4.91
CA ILE A 166 -10.39 14.45 4.25
C ILE A 166 -11.31 14.64 3.03
N PHE A 167 -12.16 13.65 2.75
CA PHE A 167 -13.08 13.76 1.62
C PHE A 167 -14.49 14.12 2.08
N PHE A 168 -14.92 13.46 3.16
CA PHE A 168 -16.31 13.53 3.58
C PHE A 168 -16.54 14.01 5.00
N VAL A 169 -17.69 14.64 5.21
CA VAL A 169 -18.17 14.91 6.56
C VAL A 169 -19.69 15.08 6.53
N ASP A 170 -20.37 14.62 7.58
CA ASP A 170 -21.81 14.80 7.67
C ASP A 170 -22.59 14.25 6.48
N ASP A 171 -22.16 13.15 5.88
CA ASP A 171 -22.82 12.51 4.76
C ASP A 171 -22.78 13.35 3.50
N GLN A 172 -21.74 14.17 3.42
CA GLN A 172 -21.49 14.94 2.21
C GLN A 172 -19.99 15.13 1.98
N PHE A 173 -19.73 15.69 0.81
CA PHE A 173 -18.35 16.03 0.44
C PHE A 173 -17.93 17.29 1.19
N VAL A 174 -16.68 17.29 1.66
CA VAL A 174 -16.16 18.55 2.19
C VAL A 174 -16.13 19.55 1.05
N LYS A 175 -16.63 20.78 1.19
CA LYS A 175 -16.53 21.61 -0.03
C LYS A 175 -15.16 22.29 -0.04
N GLN A 176 -14.57 22.53 -1.21
CA GLN A 176 -13.24 23.13 -1.33
C GLN A 176 -12.22 22.55 -0.35
N ASN A 177 -11.27 21.73 -0.67
CA ASN A 177 -10.62 21.00 -1.70
C ASN A 177 -9.13 21.36 -1.79
N GLN A 178 -8.70 22.38 -1.05
CA GLN A 178 -7.26 22.69 -1.13
C GLN A 178 -6.47 21.48 -0.65
N ARG A 179 -6.98 20.84 0.40
CA ARG A 179 -6.21 19.71 0.94
C ARG A 179 -6.22 18.54 -0.04
N ILE A 180 -7.31 18.39 -0.80
CA ILE A 180 -7.32 17.27 -1.75
C ILE A 180 -6.30 17.52 -2.84
N LYS A 181 -6.16 18.80 -3.22
CA LYS A 181 -5.08 19.12 -4.16
C LYS A 181 -3.69 18.81 -3.61
N ASP A 182 -3.46 19.14 -2.34
CA ASP A 182 -2.10 18.82 -1.84
C ASP A 182 -1.93 17.33 -1.71
N TYR A 183 -3.06 16.63 -1.40
CA TYR A 183 -2.95 15.17 -1.34
C TYR A 183 -2.59 14.58 -2.68
N ALA A 184 -3.22 15.09 -3.75
CA ALA A 184 -2.89 14.65 -5.10
C ALA A 184 -1.41 14.93 -5.43
N ARG A 185 -0.91 16.08 -5.04
CA ARG A 185 0.52 16.38 -5.21
C ARG A 185 1.37 15.31 -4.54
N LEU A 186 0.99 14.95 -3.29
CA LEU A 186 1.78 13.92 -2.62
C LEU A 186 1.73 12.58 -3.32
N LEU A 187 0.50 12.19 -3.72
CA LEU A 187 0.40 10.90 -4.41
C LEU A 187 1.15 10.90 -5.74
N ALA A 188 0.95 11.96 -6.52
CA ALA A 188 1.65 11.99 -7.82
C ALA A 188 3.18 12.07 -7.65
N SER A 189 3.65 12.75 -6.61
CA SER A 189 5.12 12.81 -6.40
C SER A 189 5.76 11.45 -6.28
N VAL A 190 5.01 10.44 -5.78
CA VAL A 190 5.52 9.08 -5.74
C VAL A 190 4.80 8.19 -6.74
N GLY A 191 4.14 8.81 -7.73
CA GLY A 191 3.75 8.08 -8.91
C GLY A 191 2.42 7.37 -8.85
N ILE A 192 1.69 7.60 -7.77
CA ILE A 192 0.40 6.92 -7.62
C ILE A 192 -0.58 7.49 -8.64
N ASN A 193 -1.27 6.61 -9.37
CA ASN A 193 -2.02 7.04 -10.54
C ASN A 193 -3.48 6.60 -10.47
N ALA A 194 -3.90 6.12 -9.31
CA ALA A 194 -5.30 5.66 -9.21
C ALA A 194 -5.75 5.71 -7.75
N ILE A 195 -7.03 6.01 -7.55
CA ILE A 195 -7.53 6.06 -6.17
C ILE A 195 -9.01 5.68 -6.11
N SER A 196 -9.41 4.92 -5.09
CA SER A 196 -10.82 4.68 -4.76
C SER A 196 -11.09 5.49 -3.50
N ILE A 197 -12.10 6.34 -3.50
CA ILE A 197 -12.25 7.34 -2.45
C ILE A 197 -13.14 6.88 -1.29
N ASN A 198 -13.80 5.71 -1.46
CA ASN A 198 -14.73 5.30 -0.38
C ASN A 198 -14.56 3.86 0.05
N ASN A 199 -14.91 3.61 1.31
CA ASN A 199 -14.77 2.33 1.96
C ASN A 199 -15.27 1.14 1.14
N VAL A 200 -14.53 0.03 1.15
CA VAL A 200 -14.96 -1.19 0.49
C VAL A 200 -16.25 -1.73 1.13
N ASN A 201 -16.43 -1.44 2.41
CA ASN A 201 -17.71 -1.69 3.06
C ASN A 201 -18.63 -0.53 2.73
N VAL A 202 -19.49 -0.72 1.72
CA VAL A 202 -20.23 0.42 1.18
C VAL A 202 -21.57 0.57 1.88
N HIS A 203 -21.73 1.59 2.71
CA HIS A 203 -22.96 1.66 3.53
C HIS A 203 -24.05 2.42 2.81
N LYS A 204 -25.13 2.76 3.54
CA LYS A 204 -26.31 3.28 2.87
C LYS A 204 -26.05 4.54 2.06
N THR A 205 -25.41 5.55 2.62
CA THR A 205 -25.20 6.81 1.91
C THR A 205 -24.24 6.66 0.74
N GLU A 206 -23.19 5.92 1.04
CA GLU A 206 -22.11 5.64 0.10
C GLU A 206 -22.63 4.88 -1.10
N THR A 207 -23.64 4.05 -0.93
CA THR A 207 -24.20 3.39 -2.13
C THR A 207 -24.61 4.39 -3.19
N LYS A 208 -25.01 5.60 -2.80
CA LYS A 208 -25.54 6.56 -3.75
C LYS A 208 -24.43 7.30 -4.48
N LEU A 209 -23.18 6.91 -4.23
CA LEU A 209 -22.09 7.68 -4.87
C LEU A 209 -22.15 7.51 -6.40
N ILE A 210 -22.76 6.41 -6.84
CA ILE A 210 -22.93 6.17 -8.27
C ILE A 210 -24.25 6.78 -8.80
N THR A 211 -24.98 7.62 -8.08
CA THR A 211 -26.21 8.24 -8.53
C THR A 211 -26.04 9.74 -8.75
N ASP A 212 -26.94 10.36 -9.53
CA ASP A 212 -26.91 11.79 -9.81
C ASP A 212 -26.82 12.62 -8.53
N HIS A 213 -27.31 12.11 -7.40
CA HIS A 213 -27.29 12.94 -6.21
C HIS A 213 -25.87 13.31 -5.80
N PHE A 214 -24.92 12.40 -6.04
CA PHE A 214 -23.57 12.73 -5.60
C PHE A 214 -22.57 12.81 -6.74
N LEU A 215 -22.90 12.31 -7.93
CA LEU A 215 -21.88 12.32 -9.00
C LEU A 215 -21.29 13.68 -9.29
N PRO A 216 -22.00 14.79 -9.25
CA PRO A 216 -21.30 16.08 -9.43
C PRO A 216 -20.16 16.30 -8.43
N ASP A 217 -20.31 15.87 -7.20
CA ASP A 217 -19.31 15.98 -6.15
C ASP A 217 -18.13 15.05 -6.40
N VAL A 218 -18.47 13.80 -6.74
CA VAL A 218 -17.46 12.82 -7.15
C VAL A 218 -16.62 13.40 -8.28
N ALA A 219 -17.29 14.06 -9.23
CA ALA A 219 -16.61 14.57 -10.43
C ALA A 219 -15.68 15.73 -10.14
N GLU A 220 -16.04 16.58 -9.18
CA GLU A 220 -15.18 17.69 -8.76
C GLU A 220 -13.89 17.15 -8.16
N VAL A 221 -14.03 16.09 -7.36
CA VAL A 221 -12.85 15.42 -6.79
C VAL A 221 -12.07 14.76 -7.91
N ALA A 222 -12.75 14.08 -8.85
CA ALA A 222 -12.07 13.45 -9.96
C ALA A 222 -11.34 14.47 -10.83
N ASP A 223 -11.90 15.68 -10.96
CA ASP A 223 -11.25 16.73 -11.75
C ASP A 223 -9.87 17.10 -11.19
N ILE A 224 -9.78 17.25 -9.87
CA ILE A 224 -8.52 17.56 -9.20
C ILE A 224 -7.51 16.44 -9.36
N PHE A 225 -7.92 15.19 -9.10
CA PHE A 225 -7.00 14.08 -9.32
C PHE A 225 -6.56 13.93 -10.76
N ARG A 226 -7.45 14.14 -11.74
CA ARG A 226 -7.07 13.99 -13.14
C ARG A 226 -5.90 14.92 -13.48
N THR A 227 -5.90 16.10 -12.90
CA THR A 227 -4.84 17.08 -13.17
C THR A 227 -3.49 16.57 -12.69
N TYR A 228 -3.44 15.63 -11.77
CA TYR A 228 -2.20 15.04 -11.27
C TYR A 228 -2.01 13.62 -11.78
N GLY A 229 -2.74 13.26 -12.84
CA GLY A 229 -2.53 11.99 -13.52
C GLY A 229 -3.16 10.81 -12.80
N ILE A 230 -4.12 11.12 -11.93
CA ILE A 230 -4.73 10.06 -11.13
C ILE A 230 -6.16 9.78 -11.59
N LYS A 231 -6.46 8.54 -11.83
CA LYS A 231 -7.80 8.08 -12.20
C LYS A 231 -8.63 7.77 -10.94
N THR A 232 -9.91 8.14 -10.98
CA THR A 232 -10.77 7.95 -9.81
C THR A 232 -11.67 6.70 -9.96
N PHE A 233 -11.76 5.95 -8.85
CA PHE A 233 -12.59 4.77 -8.75
C PHE A 233 -13.55 4.92 -7.55
N LEU A 234 -14.65 4.15 -7.65
CA LEU A 234 -15.57 4.04 -6.54
C LEU A 234 -15.73 2.61 -6.10
N SER A 235 -15.76 2.39 -4.78
CA SER A 235 -16.19 1.07 -4.32
C SER A 235 -17.72 0.95 -4.44
N ILE A 236 -18.20 -0.22 -4.75
CA ILE A 236 -19.66 -0.30 -4.98
C ILE A 236 -20.29 -1.38 -4.12
N ASN A 237 -21.58 -1.16 -3.91
CA ASN A 237 -22.52 -2.08 -3.23
C ASN A 237 -23.09 -3.00 -4.28
N TYR A 238 -22.79 -4.29 -4.20
CA TYR A 238 -23.22 -5.21 -5.25
C TYR A 238 -24.73 -5.28 -5.33
N ALA A 239 -25.38 -4.93 -4.22
CA ALA A 239 -26.84 -4.99 -4.20
C ALA A 239 -27.46 -3.68 -4.63
N SER A 240 -26.73 -2.74 -5.22
CA SER A 240 -27.29 -1.48 -5.67
C SER A 240 -28.54 -1.61 -6.56
N PRO A 241 -28.67 -2.55 -7.47
CA PRO A 241 -29.92 -2.66 -8.24
C PRO A 241 -31.15 -2.74 -7.35
N ILE A 242 -31.02 -3.36 -6.18
CA ILE A 242 -32.14 -3.36 -5.23
C ILE A 242 -32.18 -2.09 -4.41
N GLU A 243 -31.05 -1.74 -3.79
CA GLU A 243 -31.13 -0.63 -2.84
C GLU A 243 -31.33 0.71 -3.50
N ILE A 244 -30.81 0.97 -4.71
CA ILE A 244 -31.15 2.31 -5.21
C ILE A 244 -31.97 2.18 -6.48
N GLY A 245 -31.92 1.04 -7.16
CA GLY A 245 -32.60 0.87 -8.44
C GLY A 245 -34.03 0.36 -8.37
N GLY A 246 -34.47 -0.09 -7.19
CA GLY A 246 -35.83 -0.58 -7.01
C GLY A 246 -36.06 -1.89 -7.72
N LEU A 247 -35.00 -2.58 -8.13
CA LEU A 247 -35.16 -3.90 -8.70
C LEU A 247 -35.41 -4.96 -7.63
N PRO A 248 -36.13 -6.02 -7.97
CA PRO A 248 -36.41 -7.09 -7.00
C PRO A 248 -35.24 -8.01 -6.73
N THR A 249 -34.12 -7.88 -7.44
CA THR A 249 -33.00 -8.80 -7.28
C THR A 249 -31.73 -8.08 -7.73
N ALA A 250 -30.57 -8.56 -7.34
CA ALA A 250 -29.32 -8.06 -7.92
C ALA A 250 -28.56 -9.20 -8.61
N ASP A 251 -29.22 -10.33 -8.90
CA ASP A 251 -28.68 -11.43 -9.67
C ASP A 251 -27.96 -10.95 -10.93
N PRO A 252 -26.67 -11.20 -11.10
CA PRO A 252 -25.98 -10.68 -12.31
C PRO A 252 -26.44 -11.32 -13.60
N LEU A 253 -27.15 -12.44 -13.54
CA LEU A 253 -27.72 -13.05 -14.74
C LEU A 253 -29.11 -12.51 -15.04
N ASP A 254 -29.69 -11.72 -14.15
CA ASP A 254 -31.00 -11.17 -14.46
C ASP A 254 -30.85 -10.10 -15.53
N PRO A 255 -31.55 -10.19 -16.66
CA PRO A 255 -31.41 -9.20 -17.73
C PRO A 255 -31.61 -7.76 -17.28
N GLU A 256 -32.61 -7.48 -16.44
CA GLU A 256 -32.79 -6.09 -16.02
C GLU A 256 -31.68 -5.59 -15.10
N VAL A 257 -31.11 -6.46 -14.29
CA VAL A 257 -29.96 -6.06 -13.47
C VAL A 257 -28.79 -5.69 -14.38
N ARG A 258 -28.61 -6.51 -15.40
CA ARG A 258 -27.48 -6.28 -16.32
C ARG A 258 -27.65 -4.92 -16.97
N TRP A 259 -28.86 -4.63 -17.41
CA TRP A 259 -29.18 -3.34 -18.02
C TRP A 259 -29.02 -2.20 -17.03
N TRP A 260 -29.41 -2.41 -15.76
CA TRP A 260 -29.31 -1.35 -14.77
C TRP A 260 -27.84 -0.94 -14.56
N TRP A 261 -26.92 -1.89 -14.52
CA TRP A 261 -25.49 -1.56 -14.39
C TRP A 261 -24.98 -0.89 -15.67
N LYS A 262 -25.47 -1.28 -16.86
CA LYS A 262 -25.05 -0.59 -18.07
C LYS A 262 -25.47 0.88 -18.05
C LYS A 262 -25.46 0.88 -18.04
N GLU A 263 -26.69 1.12 -17.58
CA GLU A 263 -27.19 2.49 -17.51
C GLU A 263 -26.45 3.31 -16.46
N THR A 264 -26.14 2.68 -15.33
CA THR A 264 -25.33 3.31 -14.29
C THR A 264 -23.94 3.68 -14.84
N ALA A 265 -23.30 2.77 -15.56
CA ALA A 265 -22.00 3.04 -16.17
C ALA A 265 -22.08 4.20 -17.15
N LYS A 266 -22.98 4.16 -18.13
CA LYS A 266 -23.21 5.32 -19.00
C LYS A 266 -23.38 6.62 -18.26
N ARG A 267 -24.17 6.68 -17.19
CA ARG A 267 -24.39 7.90 -16.44
C ARG A 267 -23.12 8.40 -15.75
N ILE A 268 -22.37 7.49 -15.14
CA ILE A 268 -21.12 7.91 -14.49
C ILE A 268 -20.15 8.49 -15.53
N TYR A 269 -20.03 7.84 -16.67
CA TYR A 269 -19.10 8.39 -17.68
C TYR A 269 -19.61 9.72 -18.21
N GLN A 270 -20.91 10.06 -18.07
CA GLN A 270 -21.26 11.43 -18.50
C GLN A 270 -20.69 12.46 -17.56
N TYR A 271 -20.48 12.13 -16.29
CA TYR A 271 -19.91 13.08 -15.35
C TYR A 271 -18.37 13.02 -15.30
N ILE A 272 -17.81 11.85 -15.51
CA ILE A 272 -16.38 11.53 -15.40
C ILE A 272 -15.95 10.68 -16.58
N PRO A 273 -15.54 11.30 -17.69
CA PRO A 273 -15.32 10.54 -18.93
C PRO A 273 -14.15 9.59 -18.90
N ASP A 274 -13.24 9.77 -17.92
CA ASP A 274 -12.14 8.84 -17.75
C ASP A 274 -12.22 8.07 -16.42
N PHE A 275 -13.41 7.89 -15.89
CA PHE A 275 -13.64 7.16 -14.65
C PHE A 275 -12.89 5.84 -14.68
N GLY A 276 -12.19 5.53 -13.57
CA GLY A 276 -11.38 4.32 -13.56
C GLY A 276 -12.19 3.05 -13.52
N GLY A 277 -13.27 3.03 -12.72
CA GLY A 277 -14.00 1.77 -12.60
C GLY A 277 -14.47 1.55 -11.16
N PHE A 278 -14.75 0.28 -10.90
CA PHE A 278 -15.30 -0.08 -9.60
C PHE A 278 -14.34 -0.98 -8.82
N VAL A 279 -14.29 -0.73 -7.51
CA VAL A 279 -13.72 -1.69 -6.57
C VAL A 279 -14.87 -2.46 -5.90
N VAL A 280 -14.73 -3.75 -5.75
CA VAL A 280 -15.82 -4.60 -5.27
C VAL A 280 -15.36 -5.56 -4.17
N LYS A 281 -15.94 -5.35 -2.98
CA LYS A 281 -15.95 -6.37 -1.93
C LYS A 281 -17.28 -7.10 -1.98
N ALA A 282 -17.27 -8.37 -2.33
CA ALA A 282 -18.51 -9.10 -2.49
C ALA A 282 -18.43 -10.45 -1.81
N ASP A 283 -19.53 -10.86 -1.18
CA ASP A 283 -19.60 -12.19 -0.56
C ASP A 283 -18.47 -12.38 0.45
N SER A 284 -18.29 -11.34 1.23
CA SER A 284 -17.29 -11.26 2.26
C SER A 284 -17.77 -10.47 3.48
N GLU A 285 -17.56 -11.07 4.64
CA GLU A 285 -17.90 -10.40 5.90
C GLU A 285 -19.31 -9.81 5.84
N PHE A 286 -20.20 -10.68 5.36
CA PHE A 286 -21.63 -10.40 5.30
C PHE A 286 -21.97 -9.32 4.30
N ARG A 287 -20.99 -8.95 3.45
CA ARG A 287 -21.37 -8.02 2.39
C ARG A 287 -21.91 -8.85 1.22
N PRO A 288 -22.91 -8.29 0.54
CA PRO A 288 -23.63 -9.00 -0.52
C PRO A 288 -22.82 -9.25 -1.78
N GLY A 289 -23.20 -10.26 -2.56
CA GLY A 289 -22.51 -10.59 -3.78
C GLY A 289 -23.25 -11.60 -4.62
N PRO A 290 -22.60 -12.02 -5.71
CA PRO A 290 -23.17 -13.04 -6.57
C PRO A 290 -23.63 -14.28 -5.82
N PHE A 291 -22.92 -14.73 -4.77
CA PHE A 291 -23.26 -15.95 -4.06
C PHE A 291 -24.68 -15.88 -3.49
N THR A 292 -25.09 -14.69 -3.14
CA THR A 292 -26.43 -14.43 -2.60
C THR A 292 -27.49 -14.88 -3.59
N TYR A 293 -27.13 -14.89 -4.88
CA TYR A 293 -28.05 -15.29 -5.95
C TYR A 293 -27.61 -16.60 -6.55
N GLY A 294 -26.71 -17.33 -5.90
CA GLY A 294 -26.28 -18.63 -6.41
C GLY A 294 -25.36 -18.58 -7.62
N ARG A 295 -24.69 -17.46 -7.88
CA ARG A 295 -23.78 -17.34 -9.01
C ARG A 295 -22.32 -17.29 -8.55
N ASP A 296 -21.38 -17.59 -9.43
CA ASP A 296 -19.95 -17.52 -9.07
C ASP A 296 -19.39 -16.14 -9.35
N HIS A 297 -18.13 -15.91 -8.96
CA HIS A 297 -17.59 -14.57 -9.07
C HIS A 297 -17.11 -14.21 -10.48
N ALA A 298 -16.99 -15.22 -11.35
CA ALA A 298 -16.71 -14.84 -12.75
C ALA A 298 -17.98 -14.26 -13.36
N GLU A 299 -19.13 -14.91 -13.09
CA GLU A 299 -20.40 -14.39 -13.59
C GLU A 299 -20.67 -13.01 -13.02
N GLY A 300 -20.37 -12.82 -11.74
CA GLY A 300 -20.68 -11.56 -11.10
C GLY A 300 -19.73 -10.43 -11.49
N ALA A 301 -18.46 -10.70 -11.71
CA ALA A 301 -17.48 -9.67 -12.10
C ALA A 301 -17.71 -9.27 -13.55
N ASN A 302 -17.95 -10.34 -14.34
CA ASN A 302 -18.10 -10.15 -15.79
C ASN A 302 -19.28 -9.25 -16.11
N MET A 303 -20.36 -9.40 -15.33
CA MET A 303 -21.51 -8.51 -15.56
C MET A 303 -21.15 -7.06 -15.40
N LEU A 304 -20.46 -6.73 -14.30
CA LEU A 304 -20.01 -5.35 -14.14
C LEU A 304 -18.97 -4.97 -15.22
N ALA A 305 -18.14 -5.95 -15.55
CA ALA A 305 -17.09 -5.67 -16.53
C ALA A 305 -17.70 -5.26 -17.87
N GLU A 306 -18.77 -5.99 -18.24
CA GLU A 306 -19.45 -5.64 -19.50
C GLU A 306 -20.06 -4.26 -19.46
N ALA A 307 -20.57 -3.82 -18.29
CA ALA A 307 -21.13 -2.49 -18.19
C ALA A 307 -20.05 -1.42 -18.42
N LEU A 308 -18.82 -1.72 -17.97
CA LEU A 308 -17.80 -0.68 -18.02
C LEU A 308 -16.98 -0.68 -19.33
N ALA A 309 -16.97 -1.82 -19.98
CA ALA A 309 -16.17 -2.15 -21.15
C ALA A 309 -16.32 -1.09 -22.24
N PRO A 310 -17.50 -0.70 -22.67
CA PRO A 310 -17.61 0.33 -23.72
C PRO A 310 -16.91 1.63 -23.34
N PHE A 311 -16.66 1.87 -22.05
CA PHE A 311 -16.06 3.14 -21.63
C PHE A 311 -14.61 3.00 -21.17
N GLY A 312 -14.03 1.82 -21.26
CA GLY A 312 -12.68 1.60 -20.81
C GLY A 312 -12.52 1.45 -19.31
N GLY A 313 -13.61 1.28 -18.54
CA GLY A 313 -13.41 1.09 -17.10
C GLY A 313 -13.00 -0.31 -16.72
N LEU A 314 -12.53 -0.44 -15.46
CA LEU A 314 -12.04 -1.68 -14.91
C LEU A 314 -12.83 -2.15 -13.68
N VAL A 315 -12.92 -3.45 -13.55
CA VAL A 315 -13.51 -4.05 -12.36
C VAL A 315 -12.37 -4.57 -11.48
N ILE A 316 -12.20 -3.97 -10.32
CA ILE A 316 -11.24 -4.53 -9.37
C ILE A 316 -11.99 -5.39 -8.35
N TRP A 317 -11.85 -6.68 -8.49
CA TRP A 317 -12.66 -7.67 -7.74
C TRP A 317 -11.81 -8.23 -6.61
N ARG A 318 -12.15 -7.89 -5.36
CA ARG A 318 -11.30 -8.32 -4.25
C ARG A 318 -11.46 -9.79 -3.91
N CYS A 319 -10.36 -10.47 -3.62
CA CYS A 319 -10.36 -11.90 -3.34
C CYS A 319 -10.41 -12.22 -1.84
N PHE A 320 -10.64 -11.21 -1.03
CA PHE A 320 -10.73 -11.39 0.42
C PHE A 320 -12.12 -11.95 0.76
N VAL A 321 -12.22 -13.23 0.53
CA VAL A 321 -13.43 -14.03 0.64
C VAL A 321 -13.14 -15.24 1.52
N TYR A 322 -14.01 -15.50 2.52
CA TYR A 322 -13.74 -16.64 3.39
C TYR A 322 -14.99 -16.92 4.26
N ASN A 323 -14.95 -18.04 4.96
CA ASN A 323 -16.04 -18.40 5.88
C ASN A 323 -15.98 -17.61 7.17
N CYS A 324 -16.74 -16.54 7.29
CA CYS A 324 -16.70 -15.66 8.47
C CYS A 324 -17.72 -16.19 9.47
N GLN A 325 -18.10 -17.45 9.27
CA GLN A 325 -18.95 -18.08 10.29
C GLN A 325 -18.46 -19.48 10.59
N GLN A 326 -17.12 -19.58 10.74
CA GLN A 326 -16.47 -20.86 10.95
C GLN A 326 -16.75 -21.37 12.38
N ASP A 327 -16.93 -22.67 12.48
CA ASP A 327 -17.00 -23.35 13.78
C ASP A 327 -15.58 -23.57 14.30
N TRP A 328 -15.19 -22.99 15.43
CA TRP A 328 -13.83 -23.18 15.94
C TRP A 328 -13.49 -24.62 16.21
N ARG A 329 -14.50 -25.48 16.38
CA ARG A 329 -14.32 -26.89 16.58
C ARG A 329 -13.82 -27.61 15.32
N ASP A 330 -14.12 -27.01 14.17
CA ASP A 330 -13.89 -27.69 12.88
C ASP A 330 -12.45 -27.47 12.46
N ARG A 331 -11.59 -28.45 12.67
CA ARG A 331 -10.18 -28.25 12.40
C ARG A 331 -9.85 -28.67 10.98
N THR A 332 -10.87 -29.01 10.19
CA THR A 332 -10.58 -29.31 8.80
C THR A 332 -10.58 -28.01 7.97
N THR A 333 -11.52 -27.13 8.26
CA THR A 333 -11.70 -25.87 7.54
C THR A 333 -10.52 -24.95 7.82
N ASP A 334 -9.92 -24.39 6.78
CA ASP A 334 -8.75 -23.52 6.98
C ASP A 334 -8.99 -22.22 6.24
N ARG A 335 -9.16 -21.15 6.99
CA ARG A 335 -9.40 -19.86 6.35
C ARG A 335 -8.28 -19.52 5.37
N ALA A 336 -7.06 -19.94 5.65
CA ALA A 336 -5.95 -19.58 4.78
C ALA A 336 -6.10 -20.17 3.38
N LYS A 337 -6.84 -21.24 3.22
CA LYS A 337 -7.07 -21.88 1.92
C LYS A 337 -8.17 -21.24 1.09
N ALA A 338 -8.98 -20.38 1.70
CA ALA A 338 -10.25 -19.97 1.10
C ALA A 338 -10.07 -19.22 -0.21
N ALA A 339 -9.14 -18.26 -0.23
CA ALA A 339 -9.12 -17.42 -1.44
C ALA A 339 -8.70 -18.25 -2.64
N TYR A 340 -7.68 -19.10 -2.50
CA TYR A 340 -7.20 -19.91 -3.62
C TYR A 340 -8.29 -20.88 -4.05
N ASP A 341 -8.95 -21.54 -3.08
CA ASP A 341 -9.98 -22.50 -3.46
C ASP A 341 -11.15 -21.83 -4.16
N HIS A 342 -11.45 -20.58 -3.81
CA HIS A 342 -12.55 -19.85 -4.45
C HIS A 342 -12.17 -19.40 -5.86
N PHE A 343 -10.93 -18.93 -6.05
CA PHE A 343 -10.66 -18.24 -7.32
C PHE A 343 -9.81 -19.03 -8.30
N LYS A 344 -8.90 -19.88 -7.84
CA LYS A 344 -8.13 -20.66 -8.82
C LYS A 344 -9.00 -21.44 -9.81
N PRO A 345 -10.06 -22.11 -9.39
CA PRO A 345 -10.94 -22.77 -10.36
C PRO A 345 -11.52 -21.86 -11.43
N LEU A 346 -11.55 -20.55 -11.24
CA LEU A 346 -12.20 -19.67 -12.19
C LEU A 346 -11.19 -19.10 -13.18
N ASP A 347 -9.93 -19.55 -13.11
CA ASP A 347 -8.97 -18.99 -14.07
C ASP A 347 -9.45 -19.23 -15.50
N GLY A 348 -9.44 -18.16 -16.30
CA GLY A 348 -9.82 -18.28 -17.70
C GLY A 348 -11.27 -17.88 -17.93
N GLN A 349 -12.02 -17.60 -16.87
CA GLN A 349 -13.44 -17.29 -17.06
C GLN A 349 -13.77 -15.82 -16.98
N PHE A 350 -12.78 -14.99 -16.69
CA PHE A 350 -13.06 -13.58 -16.49
C PHE A 350 -12.85 -12.72 -17.74
N ARG A 351 -13.64 -11.69 -17.88
CA ARG A 351 -13.44 -10.67 -18.91
C ARG A 351 -12.14 -9.91 -18.68
N GLU A 352 -11.53 -9.41 -19.75
CA GLU A 352 -10.15 -8.92 -19.63
C GLU A 352 -10.01 -7.62 -18.88
N ASN A 353 -11.10 -6.89 -18.59
CA ASN A 353 -11.05 -5.66 -17.80
C ASN A 353 -11.44 -5.94 -16.32
N VAL A 354 -11.40 -7.19 -15.93
CA VAL A 354 -11.48 -7.61 -14.54
C VAL A 354 -10.06 -7.84 -14.01
N ILE A 355 -9.80 -7.28 -12.81
CA ILE A 355 -8.55 -7.62 -12.14
C ILE A 355 -8.85 -8.18 -10.74
N LEU A 356 -8.33 -9.35 -10.46
CA LEU A 356 -8.49 -9.89 -9.10
C LEU A 356 -7.52 -9.21 -8.16
N GLN A 357 -8.02 -8.60 -7.09
CA GLN A 357 -7.17 -7.90 -6.13
C GLN A 357 -7.00 -8.79 -4.90
N ILE A 358 -5.75 -9.16 -4.61
CA ILE A 358 -5.44 -10.20 -3.62
C ILE A 358 -4.56 -9.65 -2.51
N LYS A 359 -4.89 -9.85 -1.21
CA LYS A 359 -3.98 -9.23 -0.21
C LYS A 359 -2.64 -9.95 -0.21
N ASN A 360 -1.61 -9.34 0.39
CA ASN A 360 -0.27 -9.93 0.38
C ASN A 360 -0.27 -11.34 0.96
N GLY A 361 -1.12 -11.58 1.99
CA GLY A 361 -1.18 -12.93 2.57
C GLY A 361 -2.63 -13.47 2.56
N PRO A 362 -2.74 -14.77 2.84
CA PRO A 362 -4.04 -15.42 2.72
C PRO A 362 -4.93 -15.25 3.96
N MET A 363 -4.46 -14.60 5.00
CA MET A 363 -5.31 -14.40 6.20
C MET A 363 -5.83 -12.98 6.19
N ASP A 364 -5.16 -12.02 6.83
CA ASP A 364 -5.65 -10.65 6.93
C ASP A 364 -4.62 -9.67 7.46
N PHE A 365 -3.62 -9.36 6.66
CA PHE A 365 -2.71 -8.27 6.97
C PHE A 365 -2.03 -8.42 8.34
N GLN A 366 -1.73 -9.63 8.79
CA GLN A 366 -1.04 -9.80 10.08
C GLN A 366 0.40 -9.32 10.01
N VAL A 367 1.03 -9.14 11.16
CA VAL A 367 2.41 -8.63 11.17
C VAL A 367 3.31 -9.48 10.29
N ARG A 368 3.11 -10.77 10.22
CA ARG A 368 3.77 -11.61 9.25
C ARG A 368 2.75 -12.66 8.76
N GLU A 369 2.68 -12.86 7.46
CA GLU A 369 1.93 -13.94 6.86
C GLU A 369 2.71 -14.53 5.67
N PRO A 370 2.58 -15.78 5.33
CA PRO A 370 3.24 -16.23 4.09
C PRO A 370 2.52 -15.60 2.90
N VAL A 371 3.12 -15.64 1.72
CA VAL A 371 2.47 -15.00 0.57
C VAL A 371 1.22 -15.73 0.11
N SER A 372 0.19 -14.97 -0.30
CA SER A 372 -1.01 -15.63 -0.82
C SER A 372 -0.71 -16.57 -1.97
N PRO A 373 -1.07 -17.83 -1.92
CA PRO A 373 -0.79 -18.75 -3.04
C PRO A 373 -1.48 -18.37 -4.34
N LEU A 374 -2.44 -17.45 -4.34
CA LEU A 374 -3.08 -17.13 -5.62
C LEU A 374 -2.06 -16.48 -6.56
N PHE A 375 -1.04 -15.81 -6.07
CA PHE A 375 -0.05 -15.18 -6.98
C PHE A 375 0.75 -16.26 -7.67
N GLY A 376 0.70 -16.22 -9.01
CA GLY A 376 1.36 -17.24 -9.79
C GLY A 376 0.45 -18.37 -10.20
N ALA A 377 -0.76 -18.43 -9.63
CA ALA A 377 -1.61 -19.58 -9.89
C ALA A 377 -2.67 -19.37 -10.99
N MET A 378 -2.79 -18.18 -11.54
CA MET A 378 -3.86 -17.88 -12.49
C MET A 378 -3.29 -17.17 -13.73
N PRO A 379 -2.58 -17.92 -14.57
CA PRO A 379 -1.95 -17.32 -15.75
C PRO A 379 -2.93 -16.58 -16.66
N LYS A 380 -4.20 -16.97 -16.70
CA LYS A 380 -5.15 -16.34 -17.60
C LYS A 380 -5.96 -15.23 -16.94
N THR A 381 -5.63 -14.81 -15.72
CA THR A 381 -6.40 -13.76 -15.08
C THR A 381 -5.55 -12.66 -14.49
N ASN A 382 -5.84 -11.41 -14.87
CA ASN A 382 -5.16 -10.25 -14.32
C ASN A 382 -5.15 -10.28 -12.79
N GLN A 383 -4.01 -10.03 -12.17
CA GLN A 383 -3.97 -9.97 -10.72
C GLN A 383 -3.25 -8.70 -10.25
N MET A 384 -3.68 -8.15 -9.15
CA MET A 384 -2.97 -7.05 -8.49
C MET A 384 -2.93 -7.35 -6.97
N MET A 385 -1.89 -6.91 -6.29
CA MET A 385 -1.73 -7.13 -4.87
C MET A 385 -2.24 -5.93 -4.11
N GLU A 386 -2.86 -6.26 -2.95
CA GLU A 386 -3.37 -5.28 -2.00
C GLU A 386 -2.52 -5.34 -0.72
N VAL A 387 -1.97 -4.21 -0.31
CA VAL A 387 -1.24 -4.12 0.96
C VAL A 387 -1.96 -3.11 1.86
N GLN A 388 -1.66 -3.16 3.15
CA GLN A 388 -2.35 -2.26 4.08
C GLN A 388 -1.38 -1.25 4.65
N ILE A 389 -1.49 -0.02 4.14
CA ILE A 389 -0.61 1.04 4.66
C ILE A 389 -1.09 1.46 6.02
N THR A 390 -2.41 1.62 6.22
CA THR A 390 -2.84 1.84 7.60
C THR A 390 -2.51 0.63 8.42
N GLN A 391 -2.00 0.89 9.63
CA GLN A 391 -1.44 -0.19 10.43
C GLN A 391 -2.43 -0.92 11.33
N GLU A 392 -3.47 -1.54 10.76
CA GLU A 392 -4.47 -2.20 11.60
C GLU A 392 -3.88 -3.21 12.56
N TYR A 393 -3.00 -4.11 12.10
CA TYR A 393 -2.45 -5.10 13.02
C TYR A 393 -0.96 -4.87 13.29
N THR A 394 -0.46 -3.77 12.74
CA THR A 394 0.98 -3.50 12.88
C THR A 394 1.21 -2.24 13.68
N GLY A 395 0.38 -1.96 14.71
CA GLY A 395 0.64 -0.90 15.65
C GLY A 395 -0.20 0.35 15.57
N GLN A 396 -1.12 0.46 14.60
CA GLN A 396 -2.08 1.52 14.46
C GLN A 396 -1.50 2.92 14.56
N GLN A 397 -0.28 3.03 14.02
CA GLN A 397 0.48 4.29 14.05
C GLN A 397 0.72 4.83 15.46
N LYS A 398 0.55 3.99 16.48
CA LYS A 398 1.05 4.33 17.81
C LYS A 398 2.46 3.75 17.91
N HIS A 399 2.58 2.50 17.48
CA HIS A 399 3.89 1.86 17.36
C HIS A 399 4.50 2.22 16.01
N LEU A 400 5.82 2.46 15.97
CA LEU A 400 6.45 2.64 14.65
C LEU A 400 6.50 1.33 13.90
N CYS A 401 6.13 1.30 12.61
CA CYS A 401 6.30 0.12 11.80
C CYS A 401 6.45 0.50 10.32
N PHE A 402 7.69 0.60 9.88
CA PHE A 402 7.97 0.83 8.43
C PHE A 402 7.79 -0.48 7.70
N LEU A 403 6.77 -0.46 6.80
CA LEU A 403 6.30 -1.67 6.19
C LEU A 403 7.01 -2.05 4.90
N ILE A 404 7.90 -1.16 4.47
CA ILE A 404 8.57 -1.43 3.16
C ILE A 404 9.37 -2.69 3.19
N PRO A 405 10.19 -3.01 4.22
CA PRO A 405 10.86 -4.32 4.22
C PRO A 405 9.92 -5.50 4.10
N GLN A 406 8.76 -5.49 4.79
CA GLN A 406 7.85 -6.63 4.62
C GLN A 406 7.32 -6.76 3.19
N TRP A 407 6.96 -5.62 2.62
CA TRP A 407 6.44 -5.62 1.24
C TRP A 407 7.51 -6.13 0.30
N LYS A 408 8.79 -5.81 0.54
CA LYS A 408 9.83 -6.34 -0.37
C LYS A 408 9.98 -7.84 -0.24
N GLU A 409 9.87 -8.39 0.99
CA GLU A 409 9.83 -9.84 1.15
C GLU A 409 8.75 -10.50 0.32
N VAL A 410 7.57 -9.88 0.26
CA VAL A 410 6.46 -10.45 -0.50
C VAL A 410 6.71 -10.32 -2.01
N LEU A 411 7.08 -9.10 -2.36
CA LEU A 411 7.38 -8.82 -3.77
C LEU A 411 8.50 -9.70 -4.31
N ASP A 412 9.52 -10.01 -3.49
CA ASP A 412 10.65 -10.80 -3.98
C ASP A 412 10.47 -12.28 -3.77
N PHE A 413 9.33 -12.69 -3.16
CA PHE A 413 9.11 -14.09 -2.97
C PHE A 413 8.95 -14.81 -4.31
N ASP A 414 9.74 -15.85 -4.54
CA ASP A 414 9.68 -16.57 -5.81
C ASP A 414 8.63 -17.67 -5.77
N THR A 415 7.56 -17.53 -6.58
CA THR A 415 6.51 -18.53 -6.59
C THR A 415 6.88 -19.78 -7.34
N TYR A 416 7.94 -19.75 -8.16
CA TYR A 416 8.32 -20.77 -9.11
C TYR A 416 7.20 -21.16 -10.07
N ALA A 417 6.22 -20.29 -10.25
CA ALA A 417 5.10 -20.62 -11.15
C ALA A 417 5.63 -21.03 -12.52
N LYS A 418 6.66 -20.31 -12.99
CA LYS A 418 7.22 -20.76 -14.28
C LYS A 418 8.69 -21.14 -14.07
N GLY A 419 8.97 -21.82 -12.96
CA GLY A 419 10.32 -22.09 -12.52
C GLY A 419 10.94 -20.89 -11.84
N LYS A 420 12.23 -21.01 -11.51
CA LYS A 420 12.94 -19.94 -10.85
C LYS A 420 12.80 -18.60 -11.53
N GLY A 421 12.71 -17.53 -10.76
CA GLY A 421 12.54 -16.21 -11.33
C GLY A 421 11.09 -15.89 -11.60
N SER A 422 10.19 -16.46 -10.79
CA SER A 422 8.78 -16.13 -10.93
C SER A 422 8.28 -15.38 -9.68
N GLU A 423 8.99 -14.32 -9.33
CA GLU A 423 8.70 -13.53 -8.15
C GLU A 423 7.31 -12.91 -8.22
N VAL A 424 6.73 -12.70 -7.03
CA VAL A 424 5.43 -12.02 -6.98
C VAL A 424 5.42 -10.74 -7.78
N LYS A 425 6.51 -9.95 -7.71
CA LYS A 425 6.56 -8.68 -8.43
C LYS A 425 6.40 -8.89 -9.94
N LYS A 426 6.87 -10.00 -10.48
CA LYS A 426 6.70 -10.26 -11.90
C LYS A 426 5.28 -10.74 -12.22
N VAL A 427 4.63 -11.34 -11.22
CA VAL A 427 3.23 -11.68 -11.43
C VAL A 427 2.41 -10.43 -11.59
N ILE A 428 2.51 -9.57 -10.56
CA ILE A 428 1.62 -8.40 -10.54
C ILE A 428 2.07 -7.27 -11.46
N ASP A 429 3.33 -7.27 -11.93
CA ASP A 429 3.69 -6.24 -12.92
C ASP A 429 3.25 -6.67 -14.32
N GLY A 430 2.75 -7.89 -14.45
CA GLY A 430 2.14 -8.42 -15.64
C GLY A 430 3.14 -9.00 -16.61
N SER A 431 4.44 -8.89 -16.29
CA SER A 431 5.41 -9.42 -17.24
C SER A 431 5.44 -10.92 -17.30
N LEU A 432 5.19 -11.60 -16.18
CA LEU A 432 5.30 -13.05 -16.23
C LEU A 432 4.25 -13.72 -17.10
N PHE A 433 3.01 -13.21 -17.04
CA PHE A 433 1.91 -13.89 -17.71
C PHE A 433 1.32 -13.05 -18.83
N ASP A 434 1.92 -11.90 -19.10
CA ASP A 434 1.42 -10.93 -20.04
C ASP A 434 0.04 -10.37 -19.67
N TYR A 435 -0.13 -9.90 -18.43
CA TYR A 435 -1.44 -9.35 -18.06
C TYR A 435 -1.72 -8.02 -18.73
N ARG A 436 -2.89 -7.81 -19.29
CA ARG A 436 -3.29 -6.49 -19.78
C ARG A 436 -3.31 -5.41 -18.71
N TYR A 437 -3.91 -5.77 -17.56
CA TYR A 437 -3.93 -4.76 -16.51
C TYR A 437 -3.48 -5.45 -15.21
N SER A 438 -2.65 -4.80 -14.44
CA SER A 438 -2.15 -5.41 -13.18
C SER A 438 -1.42 -4.34 -12.38
N GLY A 439 -1.02 -4.69 -11.15
CA GLY A 439 -0.21 -3.77 -10.38
C GLY A 439 -0.45 -4.02 -8.88
N ILE A 440 -0.57 -2.91 -8.19
CA ILE A 440 -0.60 -2.94 -6.73
C ILE A 440 -1.48 -1.85 -6.17
N ALA A 441 -2.15 -2.15 -5.05
CA ALA A 441 -2.93 -1.14 -4.35
C ALA A 441 -2.61 -1.12 -2.85
N GLY A 442 -2.78 0.02 -2.23
CA GLY A 442 -2.51 0.09 -0.78
C GLY A 442 -3.64 0.81 -0.07
N VAL A 443 -4.03 0.24 1.09
CA VAL A 443 -5.09 0.86 1.87
C VAL A 443 -4.51 2.07 2.60
N SER A 444 -5.04 3.24 2.33
CA SER A 444 -4.56 4.54 2.79
C SER A 444 -4.36 4.60 4.30
N ASN A 445 -3.26 5.24 4.70
CA ASN A 445 -3.00 5.50 6.12
C ASN A 445 -3.21 6.97 6.46
N ILE A 446 -3.94 7.76 5.68
CA ILE A 446 -4.03 9.19 6.01
C ILE A 446 -5.38 9.52 6.63
N GLY A 447 -5.44 10.72 7.17
CA GLY A 447 -6.65 11.25 7.79
C GLY A 447 -6.42 12.73 8.06
N SER A 448 -7.38 13.37 8.71
CA SER A 448 -7.31 14.82 8.80
C SER A 448 -6.27 15.31 9.81
N ASP A 449 -5.54 14.42 10.49
CA ASP A 449 -4.49 14.92 11.39
C ASP A 449 -3.54 15.84 10.59
N PRO A 450 -3.05 16.91 11.18
CA PRO A 450 -2.12 17.81 10.46
C PRO A 450 -0.89 17.07 9.93
N ASN A 451 -0.42 16.01 10.59
CA ASN A 451 0.71 15.31 9.98
C ASN A 451 0.32 14.15 9.07
N TRP A 452 -0.95 14.09 8.68
CA TRP A 452 -1.61 13.22 7.73
C TRP A 452 -1.67 11.74 8.11
N THR A 453 -0.68 11.20 8.82
CA THR A 453 -0.61 9.76 9.03
C THR A 453 -0.68 9.38 10.51
N GLY A 454 -0.97 10.31 11.40
CA GLY A 454 -1.01 9.97 12.83
C GLY A 454 0.36 10.03 13.47
N HIS A 455 1.20 9.07 13.09
CA HIS A 455 2.60 9.02 13.50
C HIS A 455 3.37 9.80 12.42
N THR A 456 4.14 10.81 12.80
CA THR A 456 4.92 11.51 11.75
C THR A 456 5.72 10.58 10.89
N LEU A 457 6.31 9.53 11.47
CA LEU A 457 7.20 8.64 10.73
C LEU A 457 6.44 7.66 9.85
N ALA A 458 5.11 7.56 10.03
CA ALA A 458 4.31 6.73 9.14
C ALA A 458 4.15 7.42 7.78
N GLN A 459 4.48 8.70 7.67
CA GLN A 459 4.53 9.26 6.30
C GLN A 459 5.44 8.45 5.39
N ALA A 460 6.47 7.83 5.94
CA ALA A 460 7.43 6.99 5.24
C ALA A 460 6.77 5.79 4.56
N ASN A 461 5.64 5.36 5.12
CA ASN A 461 4.96 4.21 4.55
C ASN A 461 4.17 4.61 3.28
N LEU A 462 3.64 5.81 3.28
CA LEU A 462 2.87 6.23 2.08
C LEU A 462 3.89 6.51 0.98
N TYR A 463 4.93 7.23 1.38
CA TYR A 463 6.04 7.50 0.46
C TYR A 463 6.54 6.21 -0.15
N GLY A 464 6.91 5.24 0.73
CA GLY A 464 7.53 4.01 0.27
C GLY A 464 6.63 3.07 -0.50
N PHE A 465 5.31 3.18 -0.23
CA PHE A 465 4.36 2.40 -1.00
C PHE A 465 4.50 2.81 -2.47
N GLY A 466 4.49 4.12 -2.66
CA GLY A 466 4.54 4.72 -3.99
C GLY A 466 5.83 4.39 -4.71
N ARG A 467 6.95 4.51 -3.99
CA ARG A 467 8.22 4.17 -4.61
C ARG A 467 8.26 2.70 -5.01
N LEU A 468 7.84 1.77 -4.14
CA LEU A 468 7.86 0.37 -4.53
C LEU A 468 6.91 0.05 -5.68
N ALA A 469 5.77 0.75 -5.70
CA ALA A 469 4.81 0.50 -6.78
C ALA A 469 5.41 0.97 -8.12
N TRP A 470 6.21 2.02 -8.08
CA TRP A 470 6.92 2.48 -9.30
C TRP A 470 7.99 1.50 -9.71
N ASN A 471 8.79 1.08 -8.73
CA ASN A 471 9.85 0.12 -8.97
C ASN A 471 10.14 -0.76 -7.76
N PRO A 472 9.55 -1.95 -7.76
CA PRO A 472 9.76 -2.92 -6.68
C PRO A 472 11.21 -3.28 -6.42
N ASP A 473 12.12 -2.98 -7.35
CA ASP A 473 13.52 -3.35 -7.11
C ASP A 473 14.26 -2.33 -6.27
N LEU A 474 13.69 -1.19 -5.93
CA LEU A 474 14.32 -0.22 -5.05
C LEU A 474 14.55 -0.86 -3.69
N SER A 475 15.71 -0.57 -3.10
CA SER A 475 15.99 -1.14 -1.79
C SER A 475 15.27 -0.36 -0.72
N ALA A 476 14.99 -1.09 0.40
CA ALA A 476 14.39 -0.37 1.52
C ALA A 476 15.31 0.73 2.02
N GLU A 477 16.61 0.46 1.90
CA GLU A 477 17.58 1.42 2.43
C GLU A 477 17.51 2.73 1.67
N GLU A 478 17.45 2.65 0.33
CA GLU A 478 17.42 3.90 -0.42
C GLU A 478 16.06 4.58 -0.31
N ILE A 479 14.96 3.82 -0.20
CA ILE A 479 13.68 4.52 0.05
C ILE A 479 13.70 5.26 1.37
N ALA A 480 14.17 4.63 2.45
CA ALA A 480 14.26 5.33 3.73
C ALA A 480 15.18 6.55 3.62
N ASN A 481 16.30 6.34 2.90
CA ASN A 481 17.24 7.48 2.76
C ASN A 481 16.58 8.66 2.07
N GLU A 482 15.90 8.42 0.94
CA GLU A 482 15.20 9.52 0.27
C GLU A 482 14.14 10.20 1.13
N TRP A 483 13.32 9.37 1.82
CA TRP A 483 12.28 9.98 2.66
C TRP A 483 12.84 10.79 3.80
N VAL A 484 13.88 10.26 4.47
CA VAL A 484 14.37 11.00 5.62
C VAL A 484 15.06 12.29 5.17
N VAL A 485 15.91 12.15 4.14
CA VAL A 485 16.57 13.41 3.73
C VAL A 485 15.55 14.45 3.34
N GLN A 486 14.50 14.05 2.59
CA GLN A 486 13.56 15.11 2.19
C GLN A 486 12.70 15.66 3.30
N THR A 487 12.42 14.80 4.31
CA THR A 487 11.53 15.24 5.39
C THR A 487 12.22 15.86 6.57
N PHE A 488 13.45 15.42 6.85
CA PHE A 488 14.19 15.93 8.01
C PHE A 488 15.55 16.52 7.66
N GLY A 489 15.97 16.51 6.38
CA GLY A 489 17.25 17.15 6.11
C GLY A 489 18.41 16.21 6.00
N ASP A 490 19.62 16.77 5.82
CA ASP A 490 20.68 15.85 5.47
C ASP A 490 21.77 15.67 6.52
N ASP A 491 21.53 16.18 7.71
CA ASP A 491 22.48 15.90 8.82
C ASP A 491 22.74 14.41 8.87
N SER A 492 24.01 14.00 8.87
CA SER A 492 24.22 12.56 8.70
C SER A 492 23.84 11.77 9.94
N GLN A 493 23.75 12.42 11.08
CA GLN A 493 23.32 11.72 12.31
C GLN A 493 21.80 11.53 12.27
N VAL A 494 21.11 12.59 11.86
CA VAL A 494 19.66 12.48 11.63
C VAL A 494 19.32 11.42 10.60
N VAL A 495 19.99 11.44 9.45
CA VAL A 495 19.73 10.45 8.42
C VAL A 495 20.02 9.04 8.90
N GLU A 496 21.18 8.76 9.49
CA GLU A 496 21.47 7.38 9.89
C GLU A 496 20.47 6.96 10.98
N THR A 497 20.17 7.87 11.89
CA THR A 497 19.36 7.47 13.04
C THR A 497 17.95 7.12 12.58
N ILE A 498 17.32 8.01 11.84
CA ILE A 498 15.91 7.71 11.46
C ILE A 498 15.86 6.55 10.51
N SER A 499 16.86 6.41 9.61
CA SER A 499 16.84 5.26 8.74
C SER A 499 16.95 3.99 9.53
N TRP A 500 17.81 4.02 10.56
CA TRP A 500 17.94 2.85 11.41
C TRP A 500 16.61 2.53 12.11
N MET A 501 15.97 3.54 12.66
CA MET A 501 14.69 3.34 13.34
C MET A 501 13.71 2.71 12.36
N LEU A 502 13.56 3.33 11.19
CA LEU A 502 12.61 2.77 10.22
C LEU A 502 12.90 1.33 9.89
N LEU A 503 14.16 1.08 9.50
CA LEU A 503 14.49 -0.23 8.99
C LEU A 503 14.42 -1.32 10.05
N SER A 504 14.52 -0.93 11.33
CA SER A 504 14.46 -2.03 12.31
C SER A 504 13.05 -2.12 12.91
C SER A 504 13.05 -2.11 12.91
N SER A 505 12.16 -1.15 12.67
CA SER A 505 10.89 -1.07 13.41
C SER A 505 9.98 -2.27 13.24
N TRP A 506 9.86 -2.85 12.06
CA TRP A 506 8.91 -3.95 11.87
C TRP A 506 9.28 -5.18 12.68
N ARG A 507 10.56 -5.54 12.63
CA ARG A 507 11.12 -6.64 13.41
C ARG A 507 10.90 -6.43 14.91
N ILE A 508 11.01 -5.19 15.35
CA ILE A 508 10.90 -4.86 16.78
C ILE A 508 9.46 -5.12 17.20
N TYR A 509 8.53 -4.60 16.40
CA TYR A 509 7.10 -4.82 16.72
C TYR A 509 6.76 -6.28 16.62
N GLU A 510 7.19 -7.05 15.62
CA GLU A 510 6.96 -8.48 15.56
C GLU A 510 7.48 -9.21 16.81
N ASN A 511 8.64 -8.74 17.29
CA ASN A 511 9.27 -9.41 18.41
C ASN A 511 8.36 -9.43 19.65
N TYR A 512 7.61 -8.36 19.90
CA TYR A 512 6.79 -8.41 21.12
C TYR A 512 5.33 -8.71 20.80
N THR A 513 5.01 -9.13 19.58
CA THR A 513 3.59 -9.41 19.31
C THR A 513 3.44 -10.91 19.03
N SER A 514 2.72 -11.33 17.99
CA SER A 514 2.55 -12.78 17.84
C SER A 514 3.80 -13.50 17.35
N PRO A 515 4.10 -14.66 17.89
CA PRO A 515 5.32 -15.39 17.57
C PRO A 515 5.22 -16.32 16.36
N LEU A 516 6.35 -16.33 15.64
CA LEU A 516 6.65 -17.36 14.65
C LEU A 516 5.55 -17.54 13.60
N GLY A 517 4.95 -16.43 13.24
CA GLY A 517 4.04 -16.30 12.13
C GLY A 517 2.62 -16.75 12.44
N VAL A 518 2.29 -17.03 13.71
CA VAL A 518 0.95 -17.57 13.93
C VAL A 518 -0.11 -16.48 13.85
N GLY A 519 0.25 -15.22 13.95
CA GLY A 519 -0.73 -14.16 13.76
C GLY A 519 -1.60 -13.85 14.98
N TRP A 520 -2.39 -12.81 14.85
CA TRP A 520 -3.52 -12.53 15.75
C TRP A 520 -3.05 -12.28 17.17
N MET A 521 -3.65 -12.93 18.17
CA MET A 521 -3.41 -12.62 19.56
C MET A 521 -3.66 -11.14 19.85
N VAL A 522 -4.61 -10.51 19.16
CA VAL A 522 -5.02 -9.15 19.38
C VAL A 522 -6.42 -9.06 20.01
N ASN A 523 -6.65 -7.92 20.62
CA ASN A 523 -7.99 -7.66 21.19
C ASN A 523 -9.01 -7.67 20.09
N PRO A 524 -10.15 -8.34 20.24
CA PRO A 524 -11.15 -8.26 19.16
CA PRO A 524 -11.22 -8.29 19.24
C PRO A 524 -11.78 -6.89 19.08
N GLY A 525 -12.45 -6.61 17.96
CA GLY A 525 -13.09 -5.29 17.82
C GLY A 525 -12.07 -4.35 17.17
N HIS A 526 -11.43 -3.51 17.99
CA HIS A 526 -10.48 -2.53 17.49
C HIS A 526 -9.13 -3.14 17.09
N HIS A 527 -8.81 -4.36 17.48
CA HIS A 527 -7.61 -5.07 17.03
C HIS A 527 -6.30 -4.53 17.54
N TYR A 528 -6.34 -3.71 18.58
CA TYR A 528 -5.11 -3.10 19.12
C TYR A 528 -4.71 -3.78 20.44
N GLY A 529 -3.48 -4.29 20.54
CA GLY A 529 -2.94 -4.71 21.82
C GLY A 529 -3.20 -6.18 22.10
N PRO A 530 -2.55 -6.73 23.12
CA PRO A 530 -2.50 -8.15 23.35
C PRO A 530 -3.70 -8.81 24.01
N ASN A 531 -4.02 -9.98 23.46
CA ASN A 531 -5.18 -10.75 23.92
C ASN A 531 -5.03 -12.11 23.29
N VAL A 532 -4.24 -12.98 23.87
CA VAL A 532 -3.83 -14.22 23.19
C VAL A 532 -5.05 -15.02 22.76
N ASP A 533 -6.05 -15.13 23.64
CA ASP A 533 -7.23 -15.91 23.28
C ASP A 533 -8.36 -15.09 22.68
N GLY A 534 -8.06 -13.86 22.28
CA GLY A 534 -9.04 -12.90 21.80
C GLY A 534 -10.06 -13.43 20.81
N TYR A 535 -9.64 -14.16 19.77
CA TYR A 535 -10.53 -14.76 18.80
C TYR A 535 -10.45 -16.29 18.81
N GLU A 536 -9.83 -16.89 19.83
CA GLU A 536 -9.51 -18.30 19.80
C GLU A 536 -10.74 -19.23 19.82
N TYR A 537 -11.88 -18.73 20.36
CA TYR A 537 -13.10 -19.52 20.29
C TYR A 537 -14.18 -18.79 19.53
N SER A 538 -13.76 -17.94 18.60
CA SER A 538 -14.70 -17.18 17.79
C SER A 538 -14.91 -17.82 16.42
N HIS A 539 -15.64 -17.16 15.53
CA HIS A 539 -16.08 -17.73 14.26
C HIS A 539 -15.36 -17.14 13.07
N TRP A 540 -14.18 -16.55 13.30
CA TRP A 540 -13.51 -15.87 12.17
C TRP A 540 -12.42 -16.71 11.55
N GLY A 541 -12.14 -17.90 12.07
CA GLY A 541 -11.18 -18.76 11.39
C GLY A 541 -9.75 -18.49 11.81
N THR A 542 -9.55 -17.84 12.95
CA THR A 542 -8.24 -17.32 13.32
C THR A 542 -7.76 -17.99 14.60
N TYR A 543 -7.18 -19.19 14.55
CA TYR A 543 -6.87 -19.93 15.76
C TYR A 543 -5.39 -20.23 15.90
N HIS A 544 -4.87 -20.29 17.10
CA HIS A 544 -3.49 -20.73 17.35
C HIS A 544 -3.40 -22.11 17.99
N TYR A 545 -4.51 -22.62 18.53
CA TYR A 545 -4.59 -23.92 19.14
C TYR A 545 -3.61 -24.15 20.29
N ALA A 546 -3.24 -23.10 21.00
CA ALA A 546 -2.29 -23.24 22.09
C ALA A 546 -2.89 -24.09 23.23
N ASP A 547 -2.12 -25.03 23.75
CA ASP A 547 -2.58 -25.83 24.92
C ASP A 547 -1.42 -25.99 25.87
N ARG A 548 -1.49 -26.87 26.87
CA ARG A 548 -0.40 -26.88 27.84
C ARG A 548 0.87 -27.53 27.33
N ASP A 549 0.83 -28.09 26.11
CA ASP A 549 1.98 -28.84 25.58
C ASP A 549 2.58 -28.15 24.36
N GLY A 550 1.76 -27.40 23.65
CA GLY A 550 2.24 -26.82 22.39
C GLY A 550 1.30 -25.82 21.76
N ILE A 551 1.62 -25.50 20.49
CA ILE A 551 0.93 -24.41 19.81
C ILE A 551 1.13 -24.49 18.29
N GLY A 552 0.23 -23.93 17.53
CA GLY A 552 0.48 -23.77 16.09
C GLY A 552 -0.64 -24.35 15.24
N VAL A 553 -0.75 -23.91 13.97
CA VAL A 553 -1.75 -24.47 13.06
C VAL A 553 -1.13 -25.55 12.19
N ASP A 554 -1.64 -26.77 12.22
CA ASP A 554 -1.08 -27.79 11.33
C ASP A 554 -1.66 -27.62 9.92
N ARG A 555 -0.90 -27.03 9.02
CA ARG A 555 -1.37 -26.76 7.65
C ARG A 555 -0.66 -27.69 6.67
N THR A 556 -0.01 -28.73 7.20
CA THR A 556 0.63 -29.71 6.32
C THR A 556 -0.36 -30.58 5.56
N VAL A 557 0.16 -31.16 4.48
CA VAL A 557 -0.65 -32.14 3.77
C VAL A 557 -0.65 -33.45 4.52
N ALA A 558 0.49 -33.78 5.14
CA ALA A 558 0.63 -35.06 5.80
C ALA A 558 -0.36 -35.26 6.95
N THR A 559 -0.55 -34.23 7.76
CA THR A 559 -1.42 -34.45 8.92
C THR A 559 -2.37 -33.27 9.13
N GLY A 560 -2.24 -32.18 8.38
CA GLY A 560 -3.09 -31.03 8.63
C GLY A 560 -4.00 -30.59 7.50
N THR A 561 -4.18 -29.28 7.28
CA THR A 561 -5.26 -28.81 6.44
C THR A 561 -4.93 -28.91 4.95
N GLY A 562 -3.66 -29.18 4.66
CA GLY A 562 -3.17 -29.34 3.29
C GLY A 562 -2.89 -28.02 2.60
N TYR A 563 -2.81 -26.93 3.36
CA TYR A 563 -2.65 -25.60 2.78
C TYR A 563 -1.32 -25.52 2.03
N THR A 564 -0.33 -26.26 2.51
CA THR A 564 0.97 -26.14 1.82
C THR A 564 0.85 -26.52 0.34
N ALA A 565 -0.07 -27.41 0.00
CA ALA A 565 -0.19 -27.85 -1.40
C ALA A 565 -0.61 -26.74 -2.34
N GLN A 566 -1.06 -25.59 -1.85
CA GLN A 566 -1.44 -24.48 -2.72
C GLN A 566 -0.22 -23.81 -3.35
N TYR A 567 0.95 -23.95 -2.77
CA TYR A 567 2.22 -23.46 -3.27
C TYR A 567 2.70 -24.39 -4.39
N PHE A 568 3.57 -23.86 -5.24
CA PHE A 568 4.26 -24.75 -6.18
C PHE A 568 5.21 -25.65 -5.42
N PRO A 569 5.63 -26.76 -6.00
CA PRO A 569 6.35 -27.78 -5.25
C PRO A 569 7.56 -27.29 -4.46
N GLU A 570 8.35 -26.35 -4.94
CA GLU A 570 9.55 -25.94 -4.23
C GLU A 570 9.21 -25.28 -2.89
N ASN A 571 8.23 -24.40 -2.90
CA ASN A 571 7.80 -23.77 -1.65
C ASN A 571 6.94 -24.72 -0.81
N ALA A 572 6.06 -25.49 -1.45
CA ALA A 572 5.25 -26.43 -0.67
C ALA A 572 6.12 -27.37 0.15
N ALA A 573 7.19 -27.90 -0.45
CA ALA A 573 8.03 -28.81 0.34
C ALA A 573 8.76 -28.12 1.47
N MET A 574 9.19 -26.89 1.25
CA MET A 574 9.93 -26.17 2.26
C MET A 574 9.02 -26.01 3.49
N TYR A 575 7.75 -25.70 3.21
CA TYR A 575 6.84 -25.44 4.35
C TYR A 575 6.28 -26.70 4.98
N GLU A 576 6.14 -27.75 4.18
CA GLU A 576 5.57 -29.03 4.60
C GLU A 576 6.43 -29.71 5.65
N SER A 577 7.75 -29.58 5.53
CA SER A 577 8.61 -30.29 6.46
C SER A 577 8.90 -29.48 7.72
N LEU A 578 8.73 -30.17 8.85
CA LEU A 578 9.04 -29.54 10.15
C LEU A 578 10.46 -28.99 10.16
N ASP A 579 11.41 -29.71 9.57
CA ASP A 579 12.82 -29.36 9.72
C ASP A 579 13.28 -28.24 8.77
N THR A 580 12.63 -28.08 7.62
CA THR A 580 13.02 -27.00 6.74
C THR A 580 12.13 -25.77 6.82
N CYS A 581 10.95 -25.88 7.45
CA CYS A 581 10.07 -24.71 7.52
C CYS A 581 10.81 -23.58 8.21
N PRO A 582 10.87 -22.39 7.65
CA PRO A 582 11.60 -21.30 8.30
CA PRO A 582 11.61 -21.31 8.30
C PRO A 582 11.01 -20.97 9.66
C PRO A 582 11.00 -20.98 9.68
N ASP A 583 11.84 -20.63 10.64
CA ASP A 583 11.31 -20.35 11.98
C ASP A 583 10.24 -19.29 11.95
N GLU A 584 10.44 -18.22 11.17
CA GLU A 584 9.58 -17.07 11.26
C GLU A 584 8.15 -17.42 10.79
N LEU A 585 7.98 -18.53 10.11
CA LEU A 585 6.62 -18.92 9.74
C LEU A 585 6.22 -20.20 10.43
N LEU A 586 7.00 -20.76 11.37
CA LEU A 586 6.74 -22.12 11.81
C LEU A 586 5.32 -22.41 12.32
N LEU A 587 4.83 -21.49 13.15
CA LEU A 587 3.53 -21.80 13.78
C LEU A 587 2.37 -21.53 12.83
N PHE A 588 2.63 -20.89 11.70
CA PHE A 588 1.61 -20.76 10.66
C PHE A 588 1.35 -22.10 10.01
N PHE A 589 2.38 -22.94 9.90
CA PHE A 589 2.35 -24.19 9.18
C PHE A 589 2.34 -25.45 10.02
N HIS A 590 2.89 -25.42 11.22
CA HIS A 590 3.02 -26.57 12.08
C HIS A 590 2.47 -26.30 13.49
N HIS A 591 1.89 -27.37 14.00
CA HIS A 591 1.57 -27.48 15.43
C HIS A 591 2.71 -28.21 16.11
N VAL A 592 3.39 -27.58 17.05
CA VAL A 592 4.57 -28.16 17.68
C VAL A 592 4.58 -28.00 19.20
N PRO A 593 5.29 -28.91 19.87
CA PRO A 593 5.47 -28.77 21.31
C PRO A 593 6.29 -27.54 21.65
N TYR A 594 6.02 -26.99 22.84
CA TYR A 594 6.77 -25.86 23.32
C TYR A 594 8.27 -26.17 23.36
N THR A 595 8.67 -27.41 23.55
CA THR A 595 10.10 -27.76 23.58
C THR A 595 10.70 -27.95 22.19
N HIS A 596 9.93 -27.86 21.13
CA HIS A 596 10.54 -28.00 19.77
C HIS A 596 11.67 -27.01 19.59
N ARG A 597 12.83 -27.45 19.04
CA ARG A 597 13.95 -26.54 18.84
C ARG A 597 14.00 -25.94 17.43
N LEU A 598 14.11 -24.62 17.39
CA LEU A 598 14.10 -23.86 16.15
C LEU A 598 15.47 -23.92 15.45
N HIS A 599 15.53 -23.43 14.21
CA HIS A 599 16.84 -23.27 13.56
C HIS A 599 17.78 -22.40 14.39
N SER A 600 17.25 -21.46 15.17
CA SER A 600 18.02 -20.57 16.00
C SER A 600 18.63 -21.31 17.20
N GLY A 601 18.20 -22.54 17.42
CA GLY A 601 18.62 -23.26 18.63
C GLY A 601 17.63 -23.05 19.78
N GLU A 602 16.82 -22.00 19.70
CA GLU A 602 15.86 -21.78 20.79
C GLU A 602 14.73 -22.79 20.80
N THR A 603 14.23 -23.21 21.98
CA THR A 603 12.91 -23.87 21.98
C THR A 603 11.87 -22.84 21.61
N VAL A 604 10.70 -23.32 21.14
CA VAL A 604 9.62 -22.39 20.80
C VAL A 604 9.26 -21.52 21.99
N ILE A 605 9.08 -22.13 23.17
CA ILE A 605 8.70 -21.31 24.31
C ILE A 605 9.75 -20.29 24.69
N GLN A 606 11.03 -20.69 24.71
CA GLN A 606 12.06 -19.74 25.10
C GLN A 606 12.21 -18.65 24.04
N HIS A 607 11.98 -18.99 22.78
CA HIS A 607 11.91 -18.00 21.70
C HIS A 607 10.87 -16.94 22.01
N ILE A 608 9.68 -17.40 22.43
CA ILE A 608 8.62 -16.44 22.77
C ILE A 608 9.08 -15.52 23.88
N TYR A 609 9.64 -16.11 24.95
CA TYR A 609 10.10 -15.23 26.02
C TYR A 609 11.20 -14.26 25.55
N ASN A 610 12.19 -14.82 24.84
CA ASN A 610 13.28 -13.96 24.37
C ASN A 610 12.84 -12.76 23.54
N THR A 611 11.97 -13.01 22.53
CA THR A 611 11.67 -11.87 21.66
C THR A 611 10.78 -10.88 22.35
N HIS A 612 9.94 -11.37 23.30
CA HIS A 612 9.11 -10.36 24.00
C HIS A 612 9.89 -9.54 25.00
N PHE A 613 10.86 -10.12 25.71
CA PHE A 613 11.69 -9.27 26.57
C PHE A 613 12.57 -8.35 25.72
N GLU A 614 13.17 -8.97 24.70
CA GLU A 614 14.17 -8.19 23.93
C GLU A 614 13.53 -7.15 23.06
N GLY A 615 12.34 -7.40 22.50
CA GLY A 615 11.59 -6.40 21.81
C GLY A 615 11.32 -5.15 22.60
N VAL A 616 10.95 -5.30 23.90
CA VAL A 616 10.75 -4.08 24.69
C VAL A 616 12.08 -3.30 24.82
N GLU A 617 13.16 -4.03 25.03
CA GLU A 617 14.46 -3.33 25.12
C GLU A 617 14.75 -2.62 23.78
N GLN A 618 14.38 -3.24 22.68
CA GLN A 618 14.61 -2.53 21.40
C GLN A 618 13.69 -1.35 21.24
N ALA A 619 12.42 -1.41 21.69
CA ALA A 619 11.63 -0.18 21.60
C ALA A 619 12.22 0.93 22.45
N LYS A 620 12.76 0.57 23.63
CA LYS A 620 13.34 1.65 24.41
C LYS A 620 14.51 2.29 23.64
N GLN A 621 15.22 1.44 22.93
CA GLN A 621 16.38 1.94 22.17
C GLN A 621 15.92 2.84 21.05
N LEU A 622 14.76 2.56 20.46
CA LEU A 622 14.20 3.43 19.42
C LEU A 622 13.99 4.82 20.00
N ARG A 623 13.43 4.86 21.22
CA ARG A 623 13.17 6.15 21.84
C ARG A 623 14.47 6.86 22.22
N LYS A 624 15.43 6.12 22.77
CA LYS A 624 16.67 6.78 23.16
CA LYS A 624 16.70 6.73 23.17
C LYS A 624 17.40 7.38 21.96
N ARG A 625 17.41 6.68 20.83
CA ARG A 625 18.06 7.22 19.63
C ARG A 625 17.34 8.44 19.10
N TRP A 626 16.00 8.44 19.11
CA TRP A 626 15.30 9.68 18.72
C TRP A 626 15.65 10.82 19.67
N GLU A 627 15.70 10.52 20.98
CA GLU A 627 16.05 11.59 21.90
C GLU A 627 17.42 12.21 21.60
N GLN A 628 18.37 11.44 21.12
CA GLN A 628 19.68 12.01 20.80
C GLN A 628 19.57 13.00 19.64
N LEU A 629 18.44 13.10 18.94
CA LEU A 629 18.31 14.02 17.83
C LEU A 629 17.71 15.35 18.23
N LYS A 630 17.45 15.56 19.51
CA LYS A 630 16.85 16.81 19.96
C LYS A 630 17.80 17.94 19.55
N GLY A 631 17.22 19.04 19.09
CA GLY A 631 18.06 20.12 18.58
C GLY A 631 18.34 20.03 17.09
N LYS A 632 18.19 18.86 16.48
CA LYS A 632 18.43 18.73 15.04
C LYS A 632 17.12 18.51 14.30
N ILE A 633 16.02 18.49 15.04
CA ILE A 633 14.68 18.33 14.47
C ILE A 633 13.81 19.45 15.02
N ASP A 634 12.84 20.00 14.29
CA ASP A 634 12.01 21.06 14.88
C ASP A 634 11.26 20.52 16.11
N GLU A 635 11.10 21.42 17.08
CA GLU A 635 10.50 21.04 18.36
C GLU A 635 9.17 20.30 18.20
N LYS A 636 8.30 20.81 17.35
CA LYS A 636 6.96 20.22 17.21
C LYS A 636 7.04 18.78 16.71
N ARG A 637 7.72 18.51 15.62
CA ARG A 637 7.78 17.13 15.14
C ARG A 637 8.63 16.27 16.08
N TYR A 638 9.63 16.88 16.73
CA TYR A 638 10.42 16.15 17.71
C TYR A 638 9.49 15.59 18.81
N HIS A 639 8.65 16.48 19.33
CA HIS A 639 7.79 16.06 20.45
C HIS A 639 6.66 15.17 19.99
N ASP A 640 6.18 15.42 18.76
CA ASP A 640 5.12 14.58 18.21
C ASP A 640 5.57 13.13 18.16
N VAL A 641 6.73 12.90 17.56
CA VAL A 641 7.25 11.53 17.47
C VAL A 641 7.62 10.97 18.85
N LEU A 642 8.24 11.78 19.71
CA LEU A 642 8.66 11.30 21.02
C LEU A 642 7.45 10.82 21.84
N GLU A 643 6.35 11.56 21.70
CA GLU A 643 5.17 11.16 22.45
C GLU A 643 4.70 9.76 22.02
N ARG A 644 4.77 9.45 20.73
CA ARG A 644 4.33 8.14 20.24
C ARG A 644 5.34 7.07 20.60
N LEU A 645 6.63 7.40 20.61
CA LEU A 645 7.58 6.37 21.01
C LEU A 645 7.41 5.97 22.48
N THR A 646 7.03 6.94 23.30
CA THR A 646 6.78 6.62 24.72
C THR A 646 5.50 5.79 24.87
N ILE A 647 4.47 6.19 24.12
CA ILE A 647 3.27 5.33 24.06
C ILE A 647 3.68 3.95 23.60
N GLN A 648 4.54 3.81 22.59
CA GLN A 648 5.00 2.51 22.13
C GLN A 648 5.72 1.70 23.19
N VAL A 649 6.69 2.33 23.86
CA VAL A 649 7.42 1.62 24.90
C VAL A 649 6.45 1.11 25.98
N GLU A 650 5.53 1.96 26.42
CA GLU A 650 4.59 1.50 27.48
C GLU A 650 3.71 0.38 26.99
N HIS A 651 3.23 0.47 25.74
CA HIS A 651 2.36 -0.59 25.24
C HIS A 651 3.10 -1.87 24.96
N ALA A 652 4.38 -1.73 24.57
CA ALA A 652 5.18 -2.91 24.36
C ALA A 652 5.40 -3.73 25.64
N LYS A 653 5.52 -3.05 26.77
CA LYS A 653 5.62 -3.74 28.05
C LYS A 653 4.38 -4.60 28.29
N GLU A 654 3.22 -4.07 27.89
CA GLU A 654 1.96 -4.81 28.05
C GLU A 654 1.98 -6.05 27.19
N TRP A 655 2.37 -5.88 25.90
CA TRP A 655 2.44 -7.03 24.99
C TRP A 655 3.36 -8.10 25.57
N ARG A 656 4.53 -7.64 26.04
CA ARG A 656 5.51 -8.58 26.56
C ARG A 656 4.97 -9.38 27.73
N ASP A 657 4.42 -8.65 28.71
CA ASP A 657 3.98 -9.32 29.93
C ASP A 657 2.72 -10.15 29.70
N VAL A 658 1.76 -9.66 28.92
CA VAL A 658 0.58 -10.50 28.68
C VAL A 658 0.93 -11.78 27.95
N ILE A 659 1.76 -11.67 26.86
CA ILE A 659 2.10 -12.92 26.19
C ILE A 659 2.96 -13.82 27.05
N ASN A 660 3.94 -13.29 27.80
CA ASN A 660 4.82 -14.17 28.57
C ASN A 660 4.02 -14.86 29.68
N THR A 661 3.16 -14.07 30.32
CA THR A 661 2.33 -14.73 31.36
C THR A 661 1.36 -15.75 30.81
N TYR A 662 0.68 -15.48 29.71
CA TYR A 662 -0.18 -16.47 29.09
C TYR A 662 0.58 -17.76 28.88
N PHE A 663 1.78 -17.62 28.30
CA PHE A 663 2.46 -18.86 27.92
C PHE A 663 3.12 -19.49 29.14
N TYR A 664 3.45 -18.75 30.20
CA TYR A 664 3.96 -19.42 31.40
C TYR A 664 2.78 -20.18 32.03
N ARG A 665 1.64 -19.50 32.07
CA ARG A 665 0.45 -20.16 32.64
C ARG A 665 0.10 -21.44 31.92
N LYS A 666 0.27 -21.52 30.59
CA LYS A 666 -0.08 -22.70 29.83
C LYS A 666 1.07 -23.69 29.87
N SER A 667 2.31 -23.22 29.61
CA SER A 667 3.39 -24.17 29.41
C SER A 667 4.00 -24.64 30.73
N GLY A 668 4.00 -23.78 31.73
CA GLY A 668 4.63 -24.09 33.01
C GLY A 668 6.15 -24.03 32.92
N ILE A 669 6.70 -23.56 31.81
CA ILE A 669 8.18 -23.58 31.61
C ILE A 669 8.73 -22.20 31.89
N ASP A 670 9.72 -22.07 32.80
CA ASP A 670 10.20 -20.75 33.18
C ASP A 670 11.16 -20.18 32.15
N ASP A 671 11.35 -18.87 32.22
CA ASP A 671 12.34 -18.22 31.35
C ASP A 671 13.74 -18.73 31.70
N GLN A 672 14.52 -19.09 30.70
CA GLN A 672 15.87 -19.56 30.88
C GLN A 672 16.69 -18.65 31.78
N TYR A 673 16.53 -17.35 31.63
CA TYR A 673 17.37 -16.34 32.24
C TYR A 673 16.79 -15.76 33.53
N GLY A 674 15.61 -16.26 33.94
CA GLY A 674 15.12 -15.76 35.24
C GLY A 674 14.56 -14.38 35.20
N ARG A 675 14.13 -13.85 34.07
CA ARG A 675 13.58 -12.52 33.97
C ARG A 675 12.12 -12.47 34.44
N LYS A 676 11.59 -11.27 34.57
CA LYS A 676 10.33 -11.11 35.31
C LYS A 676 9.11 -11.49 34.50
N ILE A 677 8.50 -12.61 34.89
CA ILE A 677 7.22 -13.03 34.34
C ILE A 677 6.21 -12.98 35.49
N TYR A 678 5.20 -12.16 35.25
CA TYR A 678 4.15 -12.06 36.31
C TYR A 678 3.36 -13.35 36.37
#